data_4B7Z
#
_entry.id   4B7Z
#
_cell.length_a   79.307
_cell.length_b   111.833
_cell.length_c   226.738
_cell.angle_alpha   90.00
_cell.angle_beta   90.00
_cell.angle_gamma   90.00
#
_symmetry.space_group_name_H-M   'P 21 21 21'
#
loop_
_entity.id
_entity.type
_entity.pdbx_description
1 polymer ACETYLCHOLINESTERASE
2 non-polymer N-[2-(diethylamino)ethyl]-1-(4-methylphenyl)methanesulfonamide
3 non-polymer DI(HYDROXYETHYL)ETHER
4 non-polymer 'HEXAETHYLENE GLYCOL'
5 non-polymer 2-acetamido-2-deoxy-beta-D-glucopyranose
6 non-polymer 'SULFATE ION'
7 water water
#
_entity_poly.entity_id   1
_entity_poly.type   'polypeptide(L)'
_entity_poly.pdbx_seq_one_letter_code
;EGREDPQLLVRVRGGQLRGIRLKAPGGPVSAFLGIPFAEPPVGSRRFMPPEPKRPWSGVLDATTFQNVCYQYVDTLYPGF
EGTEMWNPNRELSEDCLYLNVWTPYPRPASPTPVLIWIYGGGFYSGAASLDVYDGRFLAQVEGAVLVSMNYRVGTFGFLA
LPGSREAPGNVGLLDQRLALQWVQENIAAFGGDPMSVTLFGESAGAASVGMHILSLPSRSLFHRAVLQSGTPNGPWATVS
AGEARRRATLLARLVGCPPGGAGGNDTELIACLRTRPAQDLVDHEWHVLPQESIFRFSFVPVVDGDFLSDTPEALINTGD
FQDLQVLVGVVKDEGSYFLVYGVPGFSKDNESLISRAQFLAGVRIGVPQASDLAAEAVVLHYTDWLHPEDPTHLRDAMSA
VVGDHNVVCPVAQLAGRLAAQGARVYAYIFEHRASTLTWPLWMGVPHGYEIEFIFGLPLDPSLNYTTEERIFAQRLMKYW
TNFARTGDPNDPRDSKSPQWPPYTTAAQQYVSLNLKPLEVRRGLRAQTCAFWNRFLPKLLSATATEAP
;
_entity_poly.pdbx_strand_id   A,B
#
loop_
_chem_comp.id
_chem_comp.type
_chem_comp.name
_chem_comp.formula
NAG D-saccharide, beta linking 2-acetamido-2-deoxy-beta-D-glucopyranose 'C8 H15 N O6'
P6G non-polymer 'HEXAETHYLENE GLYCOL' 'C12 H26 O7'
PEG non-polymer DI(HYDROXYETHYL)ETHER 'C4 H10 O3'
Q4Q non-polymer N-[2-(diethylamino)ethyl]-1-(4-methylphenyl)methanesulfonamide 'C14 H24 N2 O2 S'
SO4 non-polymer 'SULFATE ION' 'O4 S -2'
#
# COMPACT_ATOMS: atom_id res chain seq x y z
N GLU A 1 -37.65 52.77 23.59
CA GLU A 1 -36.35 53.32 23.26
C GLU A 1 -36.33 54.81 23.56
N GLY A 2 -35.19 55.46 23.33
CA GLY A 2 -35.09 56.89 23.56
C GLY A 2 -33.92 57.20 24.45
N ARG A 3 -33.63 56.28 25.38
CA ARG A 3 -32.48 56.43 26.26
C ARG A 3 -31.48 55.31 26.01
N GLU A 4 -31.76 54.48 25.00
CA GLU A 4 -30.91 53.36 24.63
C GLU A 4 -29.89 53.74 23.56
N ASP A 5 -29.04 52.79 23.20
CA ASP A 5 -28.09 52.97 22.12
C ASP A 5 -28.81 52.81 20.78
N PRO A 6 -28.92 53.90 20.01
CA PRO A 6 -29.63 53.87 18.72
C PRO A 6 -28.93 53.02 17.67
N GLN A 7 -27.67 52.66 17.91
CA GLN A 7 -26.92 51.85 16.97
C GLN A 7 -27.18 50.35 17.11
N LEU A 8 -27.95 49.98 18.15
CA LEU A 8 -28.23 48.57 18.44
C LEU A 8 -29.70 48.19 18.25
N LEU A 9 -30.44 49.06 17.56
CA LEU A 9 -31.85 48.83 17.30
C LEU A 9 -32.02 48.44 15.83
N VAL A 10 -32.57 47.25 15.59
CA VAL A 10 -32.72 46.73 14.23
C VAL A 10 -34.08 46.04 14.08
N ARG A 11 -34.72 46.18 12.92
CA ARG A 11 -35.93 45.42 12.62
C ARG A 11 -35.67 44.30 11.62
N VAL A 12 -36.16 43.09 11.91
CA VAL A 12 -36.18 41.98 10.95
C VAL A 12 -37.64 41.59 10.64
N ARG A 13 -37.81 40.59 9.78
CA ARG A 13 -39.15 40.18 9.32
C ARG A 13 -40.14 39.90 10.45
N GLY A 14 -39.65 39.37 11.55
CA GLY A 14 -40.48 39.03 12.70
C GLY A 14 -40.68 40.15 13.71
N GLY A 15 -39.87 41.21 13.60
CA GLY A 15 -40.06 42.37 14.46
C GLY A 15 -38.78 43.05 14.89
N GLN A 16 -38.90 43.91 15.89
CA GLN A 16 -37.76 44.70 16.37
C GLN A 16 -36.82 43.92 17.29
N LEU A 17 -35.52 44.19 17.16
CA LEU A 17 -34.48 43.58 17.98
C LEU A 17 -33.64 44.66 18.64
N ARG A 18 -33.16 44.38 19.84
CA ARG A 18 -32.13 45.20 20.48
C ARG A 18 -30.91 44.32 20.75
N GLY A 19 -29.78 44.69 20.16
CA GLY A 19 -28.57 43.92 20.34
C GLY A 19 -27.74 44.52 21.46
N ILE A 20 -26.45 44.16 21.46
CA ILE A 20 -25.56 44.58 22.54
C ILE A 20 -24.20 44.98 21.98
N ARG A 21 -23.59 45.99 22.58
CA ARG A 21 -22.29 46.48 22.12
C ARG A 21 -21.22 45.70 22.87
N LEU A 22 -20.49 44.86 22.15
CA LEU A 22 -19.47 44.03 22.80
C LEU A 22 -18.11 44.71 22.74
N LYS A 23 -17.25 44.39 23.70
CA LYS A 23 -15.87 44.86 23.70
C LYS A 23 -14.96 43.80 23.10
N ALA A 24 -14.26 44.16 22.02
CA ALA A 24 -13.22 43.30 21.45
C ALA A 24 -11.89 44.05 21.63
N PRO A 25 -10.76 43.33 21.59
CA PRO A 25 -9.47 43.99 21.89
C PRO A 25 -9.20 45.20 21.00
N GLY A 26 -9.67 45.19 19.75
CA GLY A 26 -9.41 46.28 18.84
C GLY A 26 -10.44 47.39 18.88
N GLY A 27 -11.56 47.15 19.56
CA GLY A 27 -12.64 48.13 19.62
C GLY A 27 -13.97 47.42 19.76
N PRO A 28 -15.09 48.15 19.64
CA PRO A 28 -16.41 47.54 19.83
C PRO A 28 -16.94 46.76 18.61
N VAL A 29 -17.81 45.79 18.88
CA VAL A 29 -18.57 45.13 17.84
C VAL A 29 -20.05 45.06 18.24
N SER A 30 -20.91 44.89 17.25
CA SER A 30 -22.34 44.73 17.49
C SER A 30 -22.69 43.25 17.56
N ALA A 31 -23.49 42.86 18.54
CA ALA A 31 -23.97 41.48 18.60
C ALA A 31 -25.48 41.39 18.80
N PHE A 32 -26.10 40.51 18.03
CA PHE A 32 -27.54 40.26 18.14
C PHE A 32 -27.74 38.77 18.38
N LEU A 33 -27.88 38.40 19.65
CA LEU A 33 -27.81 37.01 20.08
C LEU A 33 -29.18 36.45 20.46
N GLY A 34 -29.41 35.18 20.14
CA GLY A 34 -30.66 34.53 20.52
C GLY A 34 -31.84 35.06 19.73
N ILE A 35 -31.63 35.31 18.44
CA ILE A 35 -32.71 35.69 17.54
C ILE A 35 -33.45 34.43 17.09
N PRO A 36 -34.75 34.33 17.41
CA PRO A 36 -35.49 33.13 16.99
C PRO A 36 -35.76 33.13 15.48
N PHE A 37 -35.51 32.01 14.81
CA PHE A 37 -35.81 31.90 13.38
C PHE A 37 -36.85 30.82 13.05
N ALA A 38 -37.29 30.10 14.07
CA ALA A 38 -38.28 29.05 13.87
C ALA A 38 -39.21 29.03 15.06
N GLU A 39 -40.44 28.54 14.86
CA GLU A 39 -41.30 28.22 15.98
C GLU A 39 -40.63 27.09 16.78
N PRO A 40 -40.74 27.14 18.12
CA PRO A 40 -40.07 26.12 18.95
C PRO A 40 -40.54 24.72 18.58
N PRO A 41 -39.58 23.84 18.20
CA PRO A 41 -39.91 22.51 17.70
C PRO A 41 -40.18 21.52 18.83
N VAL A 42 -41.25 21.76 19.59
CA VAL A 42 -41.54 21.02 20.82
C VAL A 42 -42.91 20.36 20.78
N GLY A 43 -43.15 19.42 21.70
CA GLY A 43 -44.45 18.75 21.78
C GLY A 43 -44.78 18.00 20.51
N SER A 44 -45.92 18.34 19.89
CA SER A 44 -46.32 17.71 18.64
C SER A 44 -45.38 18.08 17.48
N ARG A 45 -44.50 19.07 17.68
CA ARG A 45 -43.54 19.46 16.63
C ARG A 45 -42.20 18.72 16.71
N ARG A 46 -42.02 17.85 17.70
CA ARG A 46 -40.77 17.11 17.80
C ARG A 46 -40.65 16.16 16.60
N PHE A 47 -39.45 16.08 16.03
CA PHE A 47 -39.14 15.30 14.81
C PHE A 47 -39.67 15.93 13.50
N MET A 48 -40.39 17.06 13.61
CA MET A 48 -40.99 17.71 12.46
C MET A 48 -40.11 18.79 11.83
N PRO A 49 -40.32 19.05 10.53
CA PRO A 49 -39.66 20.17 9.86
C PRO A 49 -39.97 21.47 10.60
N PRO A 50 -38.99 22.36 10.71
CA PRO A 50 -39.24 23.61 11.46
C PRO A 50 -40.21 24.48 10.69
N GLU A 51 -40.97 25.32 11.39
CA GLU A 51 -41.76 26.34 10.73
C GLU A 51 -41.18 27.71 11.03
N PRO A 52 -41.37 28.67 10.10
CA PRO A 52 -40.82 30.02 10.31
C PRO A 52 -41.34 30.63 11.60
N LYS A 53 -40.48 31.32 12.33
CA LYS A 53 -40.87 32.03 13.55
C LYS A 53 -41.99 32.99 13.23
N ARG A 54 -43.05 32.99 14.04
CA ARG A 54 -44.14 33.94 13.86
C ARG A 54 -43.75 35.27 14.50
N PRO A 55 -44.10 36.38 13.83
CA PRO A 55 -43.74 37.73 14.32
C PRO A 55 -44.09 37.95 15.79
N TRP A 56 -43.23 38.68 16.50
CA TRP A 56 -43.48 39.07 17.89
C TRP A 56 -43.83 40.55 17.95
N SER A 57 -44.36 40.99 19.09
CA SER A 57 -44.61 42.41 19.29
C SER A 57 -43.57 42.97 20.25
N GLY A 58 -43.34 44.28 20.18
CA GLY A 58 -42.36 44.91 21.05
C GLY A 58 -40.94 44.62 20.60
N VAL A 59 -39.99 44.96 21.47
CA VAL A 59 -38.59 44.82 21.16
C VAL A 59 -38.05 43.52 21.78
N LEU A 60 -37.69 42.56 20.93
CA LEU A 60 -37.08 41.34 21.43
C LEU A 60 -35.67 41.66 21.92
N ASP A 61 -35.35 41.24 23.15
CA ASP A 61 -34.00 41.43 23.67
C ASP A 61 -33.06 40.41 23.05
N ALA A 62 -32.06 40.90 22.32
CA ALA A 62 -31.12 40.02 21.63
C ALA A 62 -29.71 40.25 22.16
N THR A 63 -29.57 40.22 23.48
CA THR A 63 -28.29 40.52 24.13
C THR A 63 -27.60 39.31 24.77
N THR A 64 -28.23 38.14 24.74
CA THR A 64 -27.65 36.91 25.30
C THR A 64 -27.88 35.69 24.43
N PHE A 65 -27.00 34.71 24.55
CA PHE A 65 -27.20 33.45 23.84
C PHE A 65 -28.44 32.72 24.37
N GLN A 66 -29.16 32.07 23.46
CA GLN A 66 -30.32 31.30 23.85
C GLN A 66 -29.95 29.84 24.17
N ASN A 67 -30.96 29.04 24.49
CA ASN A 67 -30.79 27.65 24.88
C ASN A 67 -30.05 26.83 23.84
N VAL A 68 -29.34 25.81 24.30
CA VAL A 68 -28.65 24.88 23.41
C VAL A 68 -29.61 23.73 23.11
N CYS A 69 -29.55 23.19 21.90
CA CYS A 69 -30.42 22.07 21.55
C CYS A 69 -30.13 20.85 22.43
N TYR A 70 -31.20 20.23 22.91
CA TYR A 70 -31.08 19.11 23.84
C TYR A 70 -30.11 18.08 23.28
N GLN A 71 -29.15 17.65 24.11
CA GLN A 71 -28.06 16.81 23.62
C GLN A 71 -27.32 16.06 24.70
N TYR A 72 -26.72 14.93 24.30
CA TYR A 72 -25.78 14.21 25.15
C TYR A 72 -24.68 15.14 25.64
N VAL A 73 -24.29 15.00 26.89
CA VAL A 73 -23.22 15.82 27.46
C VAL A 73 -22.04 14.92 27.81
N ASP A 74 -20.84 15.31 27.38
CA ASP A 74 -19.66 14.45 27.55
C ASP A 74 -19.18 14.31 28.99
N THR A 75 -18.94 13.07 29.39
CA THR A 75 -18.66 12.72 30.78
C THR A 75 -17.28 12.07 30.98
N LEU A 76 -16.56 11.84 29.89
CA LEU A 76 -15.31 11.08 29.95
C LEU A 76 -14.27 11.72 30.88
N TYR A 77 -14.04 13.02 30.73
CA TYR A 77 -13.08 13.74 31.58
C TYR A 77 -13.67 15.01 32.20
N PRO A 78 -14.42 14.84 33.30
CA PRO A 78 -15.09 15.97 33.98
C PRO A 78 -14.13 17.06 34.46
N GLY A 79 -14.43 18.31 34.12
CA GLY A 79 -13.62 19.45 34.58
C GLY A 79 -12.40 19.74 33.73
N PHE A 80 -12.16 18.88 32.75
CA PHE A 80 -11.03 19.00 31.85
C PHE A 80 -11.42 19.91 30.70
N GLU A 81 -10.67 20.99 30.52
CA GLU A 81 -11.06 21.99 29.52
C GLU A 81 -11.07 21.42 28.10
N GLY A 82 -10.22 20.42 27.85
CA GLY A 82 -10.15 19.79 26.55
C GLY A 82 -11.49 19.27 26.06
N THR A 83 -12.28 18.67 26.95
CA THR A 83 -13.63 18.22 26.62
C THR A 83 -14.73 19.27 26.93
N GLU A 84 -14.58 20.00 28.03
CA GLU A 84 -15.64 20.90 28.47
C GLU A 84 -15.87 22.06 27.51
N MET A 85 -14.80 22.51 26.85
CA MET A 85 -14.92 23.58 25.85
C MET A 85 -15.93 23.26 24.75
N TRP A 86 -16.21 21.97 24.52
CA TRP A 86 -17.18 21.58 23.50
C TRP A 86 -18.58 21.36 24.08
N ASN A 87 -18.68 21.34 25.41
CA ASN A 87 -19.95 21.05 26.08
C ASN A 87 -20.90 22.24 26.10
N PRO A 88 -22.23 21.98 26.19
CA PRO A 88 -23.22 23.06 26.19
C PRO A 88 -22.89 24.13 27.23
N ASN A 89 -23.04 25.40 26.86
CA ASN A 89 -22.76 26.47 27.81
C ASN A 89 -24.00 27.29 28.14
N ARG A 90 -25.15 26.82 27.67
CA ARG A 90 -26.44 27.38 28.07
CA ARG A 90 -26.45 27.40 28.02
C ARG A 90 -27.38 26.23 28.36
N GLU A 91 -28.54 26.55 28.91
CA GLU A 91 -29.53 25.54 29.26
C GLU A 91 -29.93 24.66 28.08
N LEU A 92 -30.00 23.35 28.30
CA LEU A 92 -30.47 22.42 27.27
C LEU A 92 -31.99 22.54 27.13
N SER A 93 -32.48 22.74 25.92
CA SER A 93 -33.91 22.76 25.69
C SER A 93 -34.23 22.31 24.27
N GLU A 94 -35.45 21.79 24.09
CA GLU A 94 -35.94 21.52 22.74
C GLU A 94 -36.32 22.84 22.06
N ASP A 95 -36.65 23.85 22.87
CA ASP A 95 -36.82 25.22 22.37
C ASP A 95 -35.43 25.85 22.19
N CYS A 96 -34.86 25.72 21.00
CA CYS A 96 -33.45 26.05 20.81
C CYS A 96 -33.12 26.63 19.44
N LEU A 97 -34.15 26.93 18.65
CA LEU A 97 -33.88 27.37 17.28
C LEU A 97 -33.68 28.90 17.23
N TYR A 98 -32.46 29.32 17.55
CA TYR A 98 -32.12 30.72 17.61
C TYR A 98 -30.81 30.90 16.86
N LEU A 99 -30.55 32.11 16.37
CA LEU A 99 -29.30 32.37 15.67
C LEU A 99 -28.68 33.66 16.18
N ASN A 100 -27.42 33.87 15.81
CA ASN A 100 -26.61 34.96 16.34
C ASN A 100 -25.96 35.75 15.20
N VAL A 101 -25.98 37.07 15.30
CA VAL A 101 -25.29 37.92 14.32
C VAL A 101 -24.24 38.81 14.99
N TRP A 102 -23.02 38.81 14.45
CA TRP A 102 -22.00 39.78 14.87
C TRP A 102 -21.68 40.65 13.69
N THR A 103 -21.57 41.97 13.92
CA THR A 103 -21.16 42.90 12.88
C THR A 103 -20.23 43.93 13.49
N PRO A 104 -19.55 44.74 12.65
CA PRO A 104 -18.82 45.90 13.16
C PRO A 104 -19.72 46.86 13.94
N TYR A 105 -19.13 47.71 14.76
CA TYR A 105 -19.88 48.74 15.45
C TYR A 105 -19.16 50.05 15.20
N PRO A 106 -19.87 51.04 14.61
CA PRO A 106 -21.26 50.97 14.14
C PRO A 106 -21.39 50.01 12.95
N ARG A 107 -22.61 49.64 12.59
CA ARG A 107 -22.83 48.66 11.52
C ARG A 107 -22.34 49.22 10.20
N PRO A 108 -21.88 48.35 9.29
CA PRO A 108 -21.41 48.80 7.98
C PRO A 108 -22.49 49.54 7.20
N ALA A 109 -22.11 50.59 6.48
CA ALA A 109 -23.07 51.35 5.68
C ALA A 109 -23.20 50.77 4.27
N SER A 110 -22.15 50.09 3.80
CA SER A 110 -22.18 49.39 2.52
C SER A 110 -22.38 47.88 2.73
N PRO A 111 -23.02 47.21 1.76
CA PRO A 111 -23.30 45.76 1.88
C PRO A 111 -22.02 44.92 2.04
N THR A 112 -21.97 44.12 3.10
CA THR A 112 -20.76 43.43 3.52
C THR A 112 -20.92 41.89 3.41
N PRO A 113 -19.90 41.22 2.83
CA PRO A 113 -19.95 39.76 2.70
C PRO A 113 -20.23 39.07 4.04
N VAL A 114 -21.01 37.99 3.97
CA VAL A 114 -21.54 37.34 5.16
C VAL A 114 -20.90 35.97 5.30
N LEU A 115 -20.49 35.64 6.52
CA LEU A 115 -20.01 34.30 6.83
C LEU A 115 -21.05 33.62 7.70
N ILE A 116 -21.41 32.40 7.35
CA ILE A 116 -22.33 31.64 8.20
C ILE A 116 -21.63 30.41 8.74
N TRP A 117 -21.58 30.29 10.06
CA TRP A 117 -20.90 29.16 10.68
C TRP A 117 -21.91 28.08 11.04
N ILE A 118 -21.57 26.84 10.70
CA ILE A 118 -22.38 25.69 11.10
C ILE A 118 -21.50 24.77 11.96
N TYR A 119 -21.80 24.71 13.26
CA TYR A 119 -20.96 23.94 14.17
C TYR A 119 -21.01 22.44 13.89
N GLY A 120 -19.97 21.74 14.34
CA GLY A 120 -19.97 20.29 14.31
C GLY A 120 -20.24 19.68 15.67
N GLY A 121 -19.93 18.40 15.81
CA GLY A 121 -20.26 17.65 17.00
C GLY A 121 -21.01 16.39 16.60
N GLY A 122 -20.62 15.81 15.47
CA GLY A 122 -21.10 14.51 15.04
C GLY A 122 -22.61 14.42 14.87
N PHE A 123 -23.26 15.57 14.71
CA PHE A 123 -24.73 15.63 14.61
C PHE A 123 -25.44 15.16 15.88
N TYR A 124 -24.71 14.98 16.98
CA TYR A 124 -25.32 14.58 18.26
C TYR A 124 -25.11 15.68 19.30
N SER A 125 -24.34 16.71 18.94
CA SER A 125 -23.98 17.76 19.89
C SER A 125 -23.58 19.05 19.20
N GLY A 126 -23.31 20.07 20.01
CA GLY A 126 -22.82 21.33 19.47
C GLY A 126 -23.73 22.49 19.80
N ALA A 127 -23.22 23.71 19.60
CA ALA A 127 -23.96 24.93 19.93
C ALA A 127 -23.25 26.12 19.33
N ALA A 128 -24.01 27.12 18.90
CA ALA A 128 -23.43 28.28 18.25
C ALA A 128 -22.86 29.25 19.28
N SER A 129 -23.10 28.95 20.56
CA SER A 129 -22.72 29.87 21.63
C SER A 129 -21.38 29.51 22.30
N LEU A 130 -20.70 28.47 21.84
CA LEU A 130 -19.44 28.07 22.51
C LEU A 130 -18.40 29.17 22.32
N ASP A 131 -17.51 29.30 23.28
CA ASP A 131 -16.47 30.33 23.20
C ASP A 131 -15.64 30.24 21.94
N VAL A 132 -15.35 29.02 21.49
CA VAL A 132 -14.50 28.84 20.29
C VAL A 132 -15.13 29.40 19.03
N TYR A 133 -16.44 29.62 19.06
CA TYR A 133 -17.17 30.16 17.89
C TYR A 133 -17.54 31.65 18.04
N ASP A 134 -16.94 32.33 19.00
CA ASP A 134 -17.13 33.78 19.18
C ASP A 134 -16.81 34.60 17.91
N GLY A 135 -17.81 35.24 17.32
CA GLY A 135 -17.64 35.95 16.05
C GLY A 135 -17.10 37.37 16.16
N ARG A 136 -16.83 37.84 17.37
CA ARG A 136 -16.47 39.24 17.58
C ARG A 136 -15.15 39.64 16.92
N PHE A 137 -14.22 38.69 16.82
CA PHE A 137 -12.88 38.99 16.31
C PHE A 137 -12.89 39.13 14.79
N LEU A 138 -13.57 38.20 14.12
CA LEU A 138 -13.75 38.30 12.68
C LEU A 138 -14.50 39.59 12.32
N ALA A 139 -15.55 39.88 13.08
CA ALA A 139 -16.33 41.12 12.87
C ALA A 139 -15.48 42.36 13.08
N GLN A 140 -14.70 42.39 14.15
CA GLN A 140 -13.93 43.59 14.47
C GLN A 140 -12.72 43.81 13.56
N VAL A 141 -11.89 42.78 13.43
CA VAL A 141 -10.62 42.91 12.71
C VAL A 141 -10.82 42.90 11.20
N GLU A 142 -11.72 42.03 10.74
CA GLU A 142 -11.93 41.84 9.31
C GLU A 142 -13.19 42.53 8.77
N GLY A 143 -14.02 43.06 9.66
CA GLY A 143 -15.21 43.77 9.23
C GLY A 143 -16.34 42.85 8.78
N ALA A 144 -16.18 41.56 9.04
CA ALA A 144 -17.16 40.55 8.62
C ALA A 144 -18.52 40.74 9.28
N VAL A 145 -19.57 40.37 8.55
CA VAL A 145 -20.85 40.10 9.20
C VAL A 145 -20.91 38.59 9.40
N LEU A 146 -20.97 38.15 10.66
CA LEU A 146 -20.93 36.72 10.94
C LEU A 146 -22.22 36.21 11.55
N VAL A 147 -22.75 35.12 10.98
CA VAL A 147 -23.98 34.51 11.47
C VAL A 147 -23.73 33.06 11.88
N SER A 148 -24.34 32.64 12.97
CA SER A 148 -24.28 31.23 13.34
C SER A 148 -25.61 30.81 13.92
N MET A 149 -26.07 29.61 13.57
CA MET A 149 -27.37 29.16 14.06
C MET A 149 -27.26 27.88 14.88
N ASN A 150 -28.20 27.72 15.81
CA ASN A 150 -28.42 26.43 16.45
C ASN A 150 -29.28 25.58 15.52
N TYR A 151 -28.99 24.29 15.46
CA TYR A 151 -29.85 23.37 14.72
C TYR A 151 -30.01 22.11 15.55
N ARG A 152 -31.15 21.44 15.43
CA ARG A 152 -31.43 20.26 16.27
C ARG A 152 -30.46 19.11 15.98
N VAL A 153 -30.03 18.43 17.04
CA VAL A 153 -29.10 17.34 16.87
C VAL A 153 -29.67 16.07 17.48
N GLY A 154 -28.97 14.96 17.31
CA GLY A 154 -29.37 13.70 17.90
C GLY A 154 -30.73 13.30 17.36
N THR A 155 -31.48 12.56 18.16
CA THR A 155 -32.80 12.11 17.74
C THR A 155 -33.68 13.30 17.31
N PHE A 156 -33.68 14.36 18.12
CA PHE A 156 -34.49 15.54 17.84
C PHE A 156 -34.28 16.07 16.44
N GLY A 157 -33.04 16.00 15.97
CA GLY A 157 -32.72 16.51 14.64
C GLY A 157 -32.73 15.49 13.53
N PHE A 158 -32.44 14.22 13.85
CA PHE A 158 -32.15 13.26 12.79
C PHE A 158 -32.81 11.89 12.88
N LEU A 159 -33.57 11.64 13.95
CA LEU A 159 -34.38 10.43 14.00
C LEU A 159 -35.34 10.46 12.81
N ALA A 160 -35.35 9.39 12.05
CA ALA A 160 -36.16 9.34 10.82
C ALA A 160 -36.84 8.00 10.68
N LEU A 161 -38.10 8.04 10.27
CA LEU A 161 -38.77 6.86 9.74
C LEU A 161 -39.09 7.24 8.31
N PRO A 162 -38.13 7.00 7.38
CA PRO A 162 -38.20 7.50 6.00
C PRO A 162 -39.53 7.15 5.34
N GLY A 163 -40.15 8.12 4.69
CA GLY A 163 -41.44 7.91 4.06
C GLY A 163 -42.61 8.39 4.91
N SER A 164 -42.37 8.51 6.22
CA SER A 164 -43.42 8.94 7.14
C SER A 164 -43.63 10.44 7.10
N ARG A 165 -44.79 10.86 7.56
CA ARG A 165 -45.10 12.27 7.63
C ARG A 165 -44.62 12.83 8.96
N GLU A 166 -44.58 12.00 10.00
CA GLU A 166 -44.30 12.49 11.35
C GLU A 166 -42.81 12.54 11.75
N ALA A 167 -41.97 11.81 11.02
CA ALA A 167 -40.52 11.84 11.23
C ALA A 167 -39.79 11.60 9.91
N PRO A 168 -39.82 12.60 9.02
CA PRO A 168 -39.34 12.44 7.64
C PRO A 168 -37.82 12.41 7.55
N GLY A 169 -37.12 12.83 8.59
CA GLY A 169 -35.65 12.81 8.56
C GLY A 169 -35.04 14.16 8.19
N ASN A 170 -33.75 14.31 8.51
CA ASN A 170 -32.98 15.48 8.11
C ASN A 170 -33.51 16.83 8.59
N VAL A 171 -34.34 16.85 9.63
CA VAL A 171 -34.93 18.12 10.03
C VAL A 171 -33.92 19.08 10.61
N GLY A 172 -32.81 18.56 11.14
CA GLY A 172 -31.75 19.43 11.63
C GLY A 172 -31.10 20.18 10.47
N LEU A 173 -31.06 19.53 9.29
CA LEU A 173 -30.53 20.19 8.10
C LEU A 173 -31.55 21.23 7.60
N LEU A 174 -32.83 20.93 7.78
CA LEU A 174 -33.86 21.91 7.44
C LEU A 174 -33.80 23.11 8.38
N ASP A 175 -33.40 22.89 9.64
CA ASP A 175 -33.18 24.01 10.57
C ASP A 175 -32.12 24.93 10.01
N GLN A 176 -31.01 24.35 9.59
CA GLN A 176 -29.94 25.11 8.96
C GLN A 176 -30.46 25.86 7.74
N ARG A 177 -31.19 25.15 6.89
CA ARG A 177 -31.74 25.76 5.68
C ARG A 177 -32.66 26.94 5.99
N LEU A 178 -33.44 26.82 7.06
CA LEU A 178 -34.36 27.90 7.44
C LEU A 178 -33.56 29.13 7.90
N ALA A 179 -32.45 28.89 8.59
CA ALA A 179 -31.59 29.98 9.01
C ALA A 179 -30.94 30.69 7.81
N LEU A 180 -30.55 29.92 6.79
CA LEU A 180 -29.98 30.50 5.57
C LEU A 180 -31.01 31.37 4.89
N GLN A 181 -32.27 30.95 4.90
CA GLN A 181 -33.35 31.75 4.31
C GLN A 181 -33.57 33.04 5.12
N TRP A 182 -33.49 32.91 6.44
CA TRP A 182 -33.56 34.07 7.32
C TRP A 182 -32.46 35.10 6.97
N VAL A 183 -31.26 34.60 6.69
CA VAL A 183 -30.17 35.49 6.32
C VAL A 183 -30.48 36.21 5.01
N GLN A 184 -30.95 35.46 4.01
CA GLN A 184 -31.28 36.07 2.72
C GLN A 184 -32.28 37.19 2.89
N GLU A 185 -33.32 36.97 3.70
CA GLU A 185 -34.38 37.96 3.87
C GLU A 185 -33.99 39.15 4.75
N ASN A 186 -33.19 38.90 5.79
CA ASN A 186 -33.01 39.87 6.87
C ASN A 186 -31.62 40.47 7.04
N ILE A 187 -30.58 39.80 6.53
CA ILE A 187 -29.20 40.21 6.84
C ILE A 187 -28.86 41.62 6.31
N ALA A 188 -29.58 42.06 5.29
CA ALA A 188 -29.38 43.42 4.79
C ALA A 188 -29.67 44.47 5.86
N ALA A 189 -30.54 44.14 6.83
CA ALA A 189 -30.87 45.10 7.89
C ALA A 189 -29.69 45.36 8.82
N PHE A 190 -28.74 44.42 8.83
CA PHE A 190 -27.56 44.52 9.67
C PHE A 190 -26.36 45.02 8.87
N GLY A 191 -26.55 45.31 7.58
CA GLY A 191 -25.45 45.74 6.74
C GLY A 191 -24.84 44.61 5.94
N GLY A 192 -25.29 43.38 6.19
CA GLY A 192 -24.80 42.24 5.44
C GLY A 192 -25.28 42.20 3.99
N ASP A 193 -24.51 41.54 3.14
CA ASP A 193 -24.82 41.41 1.72
C ASP A 193 -25.32 40.00 1.40
N PRO A 194 -26.63 39.85 1.13
CA PRO A 194 -27.18 38.51 0.86
C PRO A 194 -26.69 37.94 -0.47
N MET A 195 -26.10 38.78 -1.32
CA MET A 195 -25.52 38.31 -2.59
C MET A 195 -24.11 37.79 -2.42
N SER A 196 -23.59 37.88 -1.20
CA SER A 196 -22.27 37.34 -0.92
C SER A 196 -22.29 36.59 0.41
N VAL A 197 -22.70 35.32 0.35
CA VAL A 197 -22.82 34.48 1.53
C VAL A 197 -21.93 33.25 1.43
N THR A 198 -21.04 33.09 2.40
CA THR A 198 -20.12 31.95 2.44
C THR A 198 -20.43 31.09 3.65
N LEU A 199 -20.71 29.81 3.43
CA LEU A 199 -20.87 28.88 4.55
C LEU A 199 -19.50 28.38 5.01
N PHE A 200 -19.31 28.23 6.31
CA PHE A 200 -18.18 27.45 6.79
C PHE A 200 -18.56 26.65 8.01
N GLY A 201 -17.89 25.53 8.21
CA GLY A 201 -18.24 24.63 9.29
C GLY A 201 -17.15 23.59 9.41
N GLU A 202 -17.13 22.91 10.54
CA GLU A 202 -16.10 21.94 10.84
C GLU A 202 -16.76 20.63 11.26
N SER A 203 -16.17 19.50 10.87
CA SER A 203 -16.71 18.17 11.22
C SER A 203 -18.14 17.95 10.66
N ALA A 204 -19.11 17.68 11.53
CA ALA A 204 -20.51 17.55 11.08
C ALA A 204 -21.02 18.86 10.46
N GLY A 205 -20.44 19.98 10.89
CA GLY A 205 -20.73 21.28 10.29
C GLY A 205 -20.21 21.31 8.87
N ALA A 206 -19.01 20.78 8.68
CA ALA A 206 -18.44 20.66 7.33
C ALA A 206 -19.31 19.75 6.47
N ALA A 207 -19.72 18.61 7.03
CA ALA A 207 -20.59 17.69 6.30
C ALA A 207 -21.92 18.38 5.95
N SER A 208 -22.45 19.19 6.85
CA SER A 208 -23.70 19.93 6.59
C SER A 208 -23.54 20.86 5.41
N VAL A 209 -22.44 21.60 5.40
CA VAL A 209 -22.13 22.51 4.31
C VAL A 209 -22.11 21.74 3.01
N GLY A 210 -21.46 20.58 3.02
CA GLY A 210 -21.38 19.75 1.83
C GLY A 210 -22.76 19.32 1.37
N MET A 211 -23.64 19.04 2.32
CA MET A 211 -24.98 18.60 1.94
C MET A 211 -25.82 19.73 1.36
N HIS A 212 -25.59 20.95 1.82
CA HIS A 212 -26.28 22.11 1.24
C HIS A 212 -25.82 22.33 -0.20
N ILE A 213 -24.54 22.06 -0.45
CA ILE A 213 -24.04 22.09 -1.83
C ILE A 213 -24.75 21.04 -2.68
N LEU A 214 -25.08 19.90 -2.08
CA LEU A 214 -25.63 18.77 -2.83
C LEU A 214 -27.15 18.80 -2.91
N SER A 215 -27.77 19.78 -2.25
CA SER A 215 -29.23 19.84 -2.20
C SER A 215 -29.75 21.11 -2.89
N LEU A 216 -30.49 20.92 -3.99
CA LEU A 216 -30.89 22.04 -4.85
C LEU A 216 -31.55 23.23 -4.14
N PRO A 217 -32.54 22.98 -3.24
CA PRO A 217 -33.19 24.16 -2.64
C PRO A 217 -32.23 25.01 -1.80
N SER A 218 -31.13 24.44 -1.33
CA SER A 218 -30.15 25.22 -0.58
C SER A 218 -29.21 26.04 -1.47
N ARG A 219 -29.04 25.63 -2.73
CA ARG A 219 -28.04 26.22 -3.61
C ARG A 219 -28.28 27.68 -3.90
N SER A 220 -29.53 28.11 -3.76
CA SER A 220 -29.90 29.51 -4.02
C SER A 220 -29.66 30.38 -2.79
N LEU A 221 -29.13 29.79 -1.71
CA LEU A 221 -29.04 30.50 -0.44
C LEU A 221 -27.62 30.88 -0.02
N PHE A 222 -26.63 30.51 -0.85
CA PHE A 222 -25.23 30.83 -0.56
C PHE A 222 -24.41 30.71 -1.84
N HIS A 223 -23.17 31.20 -1.83
CA HIS A 223 -22.36 31.32 -3.04
C HIS A 223 -21.02 30.60 -2.97
N ARG A 224 -20.55 30.35 -1.75
CA ARG A 224 -19.22 29.78 -1.54
C ARG A 224 -19.23 28.96 -0.25
N ALA A 225 -18.30 28.01 -0.16
CA ALA A 225 -18.32 27.06 0.95
C ALA A 225 -16.92 26.72 1.46
N VAL A 226 -16.81 26.54 2.77
CA VAL A 226 -15.58 26.08 3.40
C VAL A 226 -15.89 24.84 4.22
N LEU A 227 -15.18 23.74 3.96
CA LEU A 227 -15.41 22.51 4.70
C LEU A 227 -14.16 22.12 5.48
N GLN A 228 -14.22 22.26 6.81
CA GLN A 228 -13.06 21.96 7.68
C GLN A 228 -13.23 20.57 8.32
N SER A 229 -12.34 19.64 7.97
CA SER A 229 -12.30 18.30 8.59
C SER A 229 -13.66 17.59 8.59
N GLY A 230 -14.33 17.59 7.45
CA GLY A 230 -15.58 16.87 7.32
C GLY A 230 -16.13 16.95 5.91
N THR A 231 -16.96 15.97 5.55
CA THR A 231 -17.50 15.87 4.19
C THR A 231 -18.88 15.19 4.21
N PRO A 232 -19.70 15.47 3.18
CA PRO A 232 -20.98 14.75 3.12
C PRO A 232 -20.76 13.29 2.77
N ASN A 233 -19.82 13.01 1.88
CA ASN A 233 -19.47 11.63 1.57
C ASN A 233 -18.68 11.05 2.74
N GLY A 234 -18.40 9.75 2.70
CA GLY A 234 -17.68 9.13 3.79
C GLY A 234 -18.54 8.22 4.65
N PRO A 235 -17.93 7.57 5.66
CA PRO A 235 -18.61 6.47 6.36
C PRO A 235 -19.55 6.86 7.50
N TRP A 236 -19.49 8.09 7.98
CA TRP A 236 -20.27 8.46 9.19
C TRP A 236 -21.36 9.51 8.96
N ALA A 237 -21.27 10.25 7.85
CA ALA A 237 -22.07 11.49 7.74
C ALA A 237 -23.51 11.26 7.31
N THR A 238 -23.81 10.07 6.79
CA THR A 238 -25.18 9.70 6.41
C THR A 238 -25.43 8.22 6.71
N VAL A 239 -26.71 7.85 6.78
CA VAL A 239 -27.12 6.45 6.82
C VAL A 239 -28.15 6.23 5.72
N SER A 240 -28.38 4.99 5.32
CA SER A 240 -29.43 4.68 4.35
C SER A 240 -30.80 4.86 5.00
N ALA A 241 -31.86 4.84 4.19
CA ALA A 241 -33.21 4.87 4.75
C ALA A 241 -33.47 3.66 5.65
N GLY A 242 -33.12 2.48 5.15
CA GLY A 242 -33.25 1.24 5.93
C GLY A 242 -32.54 1.32 7.28
N GLU A 243 -31.34 1.89 7.30
CA GLU A 243 -30.59 1.92 8.55
C GLU A 243 -31.14 2.96 9.52
N ALA A 244 -31.56 4.12 9.01
CA ALA A 244 -32.23 5.11 9.86
C ALA A 244 -33.54 4.54 10.45
N ARG A 245 -34.30 3.82 9.63
CA ARG A 245 -35.55 3.24 10.09
C ARG A 245 -35.27 2.26 11.23
N ARG A 246 -34.34 1.35 10.99
CA ARG A 246 -33.97 0.36 11.99
C ARG A 246 -33.49 0.99 13.31
N ARG A 247 -32.69 2.04 13.24
CA ARG A 247 -32.20 2.69 14.44
C ARG A 247 -33.31 3.41 15.19
N ALA A 248 -34.22 4.03 14.43
CA ALA A 248 -35.31 4.78 15.01
C ALA A 248 -36.25 3.84 15.76
N THR A 249 -36.47 2.65 15.22
CA THR A 249 -37.45 1.78 15.85
C THR A 249 -36.84 1.04 17.03
N LEU A 250 -35.54 0.75 16.92
CA LEU A 250 -34.81 0.18 18.06
C LEU A 250 -34.84 1.15 19.25
N LEU A 251 -34.52 2.42 19.01
CA LEU A 251 -34.57 3.43 20.08
C LEU A 251 -35.96 3.52 20.69
N ALA A 252 -36.99 3.53 19.84
CA ALA A 252 -38.36 3.52 20.30
C ALA A 252 -38.56 2.35 21.26
N ARG A 253 -38.11 1.16 20.88
CA ARG A 253 -38.26 -0.01 21.76
C ARG A 253 -37.53 0.20 23.09
N LEU A 254 -36.35 0.78 23.03
CA LEU A 254 -35.50 0.93 24.21
C LEU A 254 -36.07 1.90 25.24
N VAL A 255 -36.90 2.84 24.78
CA VAL A 255 -37.59 3.75 25.69
C VAL A 255 -39.06 3.34 25.88
N GLY A 256 -39.39 2.13 25.44
CA GLY A 256 -40.72 1.57 25.70
C GLY A 256 -41.82 2.05 24.78
N CYS A 257 -41.53 2.13 23.49
CA CYS A 257 -42.51 2.57 22.51
C CYS A 257 -42.77 1.50 21.47
N ASN A 265 -46.84 0.57 12.43
CA ASN A 265 -47.44 1.86 12.11
C ASN A 265 -46.61 3.01 12.65
N ASP A 266 -46.08 3.83 11.74
CA ASP A 266 -45.15 4.89 12.11
C ASP A 266 -45.80 5.99 12.96
N THR A 267 -47.06 6.28 12.67
CA THR A 267 -47.79 7.34 13.38
C THR A 267 -47.83 7.06 14.90
N GLU A 268 -48.22 5.84 15.26
CA GLU A 268 -48.30 5.45 16.67
C GLU A 268 -46.91 5.43 17.34
N LEU A 269 -45.92 4.90 16.65
CA LEU A 269 -44.57 4.84 17.18
C LEU A 269 -44.05 6.24 17.52
N ILE A 270 -44.35 7.20 16.64
CA ILE A 270 -43.82 8.54 16.80
C ILE A 270 -44.62 9.26 17.86
N ALA A 271 -45.93 9.05 17.87
CA ALA A 271 -46.78 9.64 18.89
C ALA A 271 -46.30 9.22 20.27
N CYS A 272 -45.91 7.95 20.42
CA CYS A 272 -45.41 7.49 21.71
C CYS A 272 -44.05 8.13 22.03
N LEU A 273 -43.12 8.13 21.07
CA LEU A 273 -41.83 8.85 21.25
C LEU A 273 -42.01 10.30 21.68
N ARG A 274 -43.06 10.96 21.20
CA ARG A 274 -43.27 12.38 21.51
C ARG A 274 -43.74 12.59 22.94
N THR A 275 -44.05 11.51 23.65
CA THR A 275 -44.47 11.60 25.05
C THR A 275 -43.29 11.34 25.98
N ARG A 276 -42.15 10.99 25.41
CA ARG A 276 -40.97 10.71 26.19
C ARG A 276 -40.18 11.98 26.51
N PRO A 277 -39.72 12.10 27.78
CA PRO A 277 -38.85 13.21 28.18
C PRO A 277 -37.64 13.26 27.28
N ALA A 278 -37.18 14.47 26.94
CA ALA A 278 -36.04 14.62 26.04
C ALA A 278 -34.86 13.79 26.52
N GLN A 279 -34.65 13.78 27.83
CA GLN A 279 -33.47 13.13 28.39
C GLN A 279 -33.49 11.62 28.21
N ASP A 280 -34.68 11.03 28.24
CA ASP A 280 -34.83 9.58 28.01
C ASP A 280 -34.29 9.20 26.63
N LEU A 281 -34.61 10.01 25.62
CA LEU A 281 -34.11 9.78 24.27
C LEU A 281 -32.59 9.85 24.28
N VAL A 282 -32.05 10.96 24.78
CA VAL A 282 -30.60 11.13 24.92
C VAL A 282 -29.95 9.95 25.63
N ASP A 283 -30.54 9.47 26.72
CA ASP A 283 -29.92 8.39 27.50
C ASP A 283 -29.80 7.07 26.75
N HIS A 284 -30.50 6.92 25.62
CA HIS A 284 -30.48 5.66 24.88
C HIS A 284 -29.90 5.81 23.48
N GLU A 285 -29.65 7.05 23.11
CA GLU A 285 -29.14 7.42 21.80
C GLU A 285 -28.00 6.53 21.29
N TRP A 286 -27.00 6.27 22.13
CA TRP A 286 -25.84 5.51 21.67
C TRP A 286 -26.09 4.00 21.57
N HIS A 287 -27.20 3.53 22.11
CA HIS A 287 -27.42 2.09 22.14
C HIS A 287 -27.85 1.52 20.80
N VAL A 288 -28.14 2.37 19.82
CA VAL A 288 -28.66 1.87 18.55
C VAL A 288 -27.60 1.64 17.47
N LEU A 289 -26.32 1.96 17.77
CA LEU A 289 -25.24 1.72 16.82
C LEU A 289 -25.09 0.21 16.59
N PRO A 290 -24.96 -0.19 15.31
CA PRO A 290 -24.97 -1.63 14.99
C PRO A 290 -23.71 -2.33 15.44
N GLN A 291 -22.60 -1.61 15.56
CA GLN A 291 -21.40 -2.20 16.16
C GLN A 291 -20.73 -1.26 17.14
N GLU A 292 -19.98 -1.86 18.06
CA GLU A 292 -19.01 -1.17 18.87
C GLU A 292 -18.09 -0.38 17.92
N SER A 293 -18.03 0.93 18.09
CA SER A 293 -17.33 1.76 17.11
C SER A 293 -16.95 3.13 17.64
N ILE A 294 -15.93 3.74 17.03
CA ILE A 294 -15.65 5.15 17.24
C ILE A 294 -15.87 5.89 15.91
N PHE A 295 -16.10 7.20 16.00
CA PHE A 295 -16.40 8.04 14.84
C PHE A 295 -17.67 7.55 14.11
N ARG A 296 -18.64 7.04 14.88
CA ARG A 296 -19.96 6.72 14.35
C ARG A 296 -21.02 7.31 15.26
N PHE A 297 -22.08 7.85 14.66
CA PHE A 297 -23.07 8.59 15.42
C PHE A 297 -24.46 8.07 15.06
N SER A 298 -25.31 7.90 16.06
CA SER A 298 -26.57 7.17 15.85
C SER A 298 -27.52 7.85 14.88
N PHE A 299 -27.69 9.15 15.04
CA PHE A 299 -28.69 9.86 14.25
C PHE A 299 -28.05 10.99 13.46
N VAL A 300 -27.94 10.77 12.15
CA VAL A 300 -27.26 11.67 11.25
C VAL A 300 -28.14 11.82 10.01
N PRO A 301 -27.74 12.68 9.04
CA PRO A 301 -28.60 12.79 7.86
C PRO A 301 -28.89 11.45 7.16
N VAL A 302 -30.09 11.35 6.62
CA VAL A 302 -30.52 10.12 5.99
C VAL A 302 -30.66 10.35 4.49
N VAL A 303 -30.24 9.37 3.69
CA VAL A 303 -30.49 9.40 2.25
C VAL A 303 -31.98 9.14 2.01
N ASP A 304 -32.76 10.23 1.94
CA ASP A 304 -34.22 10.17 1.89
C ASP A 304 -34.79 10.22 0.49
N GLY A 305 -33.97 10.56 -0.49
CA GLY A 305 -34.47 10.81 -1.84
C GLY A 305 -35.25 12.13 -1.89
N ASP A 306 -35.01 12.99 -0.90
CA ASP A 306 -35.64 14.32 -0.83
C ASP A 306 -34.57 15.43 -0.66
N PHE A 307 -34.20 15.73 0.58
CA PHE A 307 -33.08 16.64 0.82
C PHE A 307 -31.85 16.13 0.05
N LEU A 308 -31.52 14.85 0.27
CA LEU A 308 -30.51 14.16 -0.51
C LEU A 308 -31.16 13.24 -1.53
N SER A 309 -31.11 13.59 -2.81
CA SER A 309 -31.76 12.78 -3.84
C SER A 309 -31.07 11.43 -4.10
N ASP A 310 -29.81 11.32 -3.68
CA ASP A 310 -29.05 10.08 -3.81
C ASP A 310 -27.94 10.14 -2.78
N THR A 311 -27.07 9.12 -2.71
CA THR A 311 -25.93 9.17 -1.79
C THR A 311 -25.02 10.33 -2.19
N PRO A 312 -24.33 10.92 -1.20
CA PRO A 312 -23.38 12.00 -1.54
C PRO A 312 -22.33 11.53 -2.53
N GLU A 313 -21.90 10.28 -2.38
CA GLU A 313 -20.98 9.63 -3.32
C GLU A 313 -21.47 9.77 -4.77
N ALA A 314 -22.72 9.37 -5.02
CA ALA A 314 -23.25 9.44 -6.38
C ALA A 314 -23.43 10.90 -6.83
N LEU A 315 -23.80 11.77 -5.89
CA LEU A 315 -24.05 13.18 -6.23
C LEU A 315 -22.76 13.93 -6.59
N ILE A 316 -21.68 13.69 -5.86
CA ILE A 316 -20.41 14.33 -6.22
C ILE A 316 -19.77 13.70 -7.46
N ASN A 317 -20.21 12.50 -7.83
CA ASN A 317 -19.66 11.83 -9.02
C ASN A 317 -20.29 12.34 -10.31
N THR A 318 -21.51 12.84 -10.22
CA THR A 318 -22.28 13.20 -11.40
C THR A 318 -22.70 14.67 -11.40
N GLY A 319 -22.25 15.41 -10.39
CA GLY A 319 -22.62 16.81 -10.29
C GLY A 319 -21.77 17.75 -11.13
N ASP A 320 -22.41 18.79 -11.66
CA ASP A 320 -21.66 19.87 -12.29
C ASP A 320 -21.44 21.01 -11.28
N PHE A 321 -20.19 21.24 -10.92
CA PHE A 321 -19.86 22.26 -9.91
C PHE A 321 -19.10 23.43 -10.52
N GLN A 322 -19.51 23.83 -11.73
CA GLN A 322 -18.82 24.90 -12.47
C GLN A 322 -18.68 26.22 -11.70
N ASP A 323 -19.77 26.72 -11.14
CA ASP A 323 -19.71 28.02 -10.49
C ASP A 323 -19.46 27.93 -8.99
N LEU A 324 -18.89 26.82 -8.55
CA LEU A 324 -18.65 26.62 -7.13
C LEU A 324 -17.19 26.88 -6.75
N GLN A 325 -16.98 27.72 -5.75
CA GLN A 325 -15.66 27.86 -5.17
C GLN A 325 -15.70 27.26 -3.76
N VAL A 326 -14.69 26.48 -3.43
CA VAL A 326 -14.72 25.71 -2.21
C VAL A 326 -13.33 25.66 -1.59
N LEU A 327 -13.27 25.84 -0.27
CA LEU A 327 -12.04 25.71 0.49
C LEU A 327 -12.20 24.49 1.40
N VAL A 328 -11.27 23.54 1.34
CA VAL A 328 -11.38 22.33 2.17
C VAL A 328 -10.04 22.01 2.81
N GLY A 329 -10.08 21.30 3.93
CA GLY A 329 -8.85 20.87 4.56
C GLY A 329 -9.02 20.00 5.79
N VAL A 330 -7.88 19.64 6.37
CA VAL A 330 -7.83 18.73 7.50
C VAL A 330 -6.77 19.22 8.50
N VAL A 331 -6.81 18.68 9.71
CA VAL A 331 -5.75 18.93 10.69
C VAL A 331 -4.81 17.73 10.65
N LYS A 332 -3.66 17.88 11.26
CA LYS A 332 -2.60 16.87 11.14
C LYS A 332 -2.97 15.53 11.75
N ASP A 333 -3.71 15.54 12.85
CA ASP A 333 -4.05 14.32 13.56
C ASP A 333 -5.56 14.15 13.78
N GLU A 334 -6.29 13.94 12.70
CA GLU A 334 -7.75 13.84 12.77
C GLU A 334 -8.28 12.75 13.70
N GLY A 335 -7.57 11.63 13.77
CA GLY A 335 -8.13 10.48 14.47
C GLY A 335 -7.85 10.37 15.96
N SER A 336 -6.87 11.12 16.45
CA SER A 336 -6.37 10.89 17.81
C SER A 336 -7.43 11.08 18.89
N TYR A 337 -8.19 12.15 18.77
CA TYR A 337 -9.24 12.49 19.74
C TYR A 337 -10.20 11.32 19.99
N PHE A 338 -10.54 10.61 18.91
CA PHE A 338 -11.56 9.56 18.97
C PHE A 338 -11.12 8.29 19.67
N LEU A 339 -9.81 8.07 19.73
CA LEU A 339 -9.27 6.82 20.26
C LEU A 339 -9.54 6.65 21.75
N VAL A 340 -9.54 7.74 22.51
CA VAL A 340 -9.78 7.62 23.95
C VAL A 340 -11.24 7.37 24.31
N TYR A 341 -12.12 7.41 23.32
CA TYR A 341 -13.53 7.16 23.56
C TYR A 341 -13.98 5.73 23.27
N GLY A 342 -13.03 4.82 23.05
CA GLY A 342 -13.42 3.44 22.81
C GLY A 342 -12.36 2.40 22.52
N VAL A 343 -11.19 2.82 22.09
CA VAL A 343 -10.15 1.84 21.79
C VAL A 343 -9.33 1.52 23.05
N PRO A 344 -9.40 0.26 23.50
CA PRO A 344 -8.64 -0.18 24.68
C PRO A 344 -7.15 0.10 24.51
N GLY A 345 -6.49 0.56 25.57
CA GLY A 345 -5.10 0.93 25.52
C GLY A 345 -4.85 2.42 25.35
N PHE A 346 -5.91 3.17 25.04
CA PHE A 346 -5.78 4.61 24.80
C PHE A 346 -6.36 5.45 25.92
N SER A 347 -5.64 6.51 26.27
CA SER A 347 -6.01 7.42 27.35
C SER A 347 -5.29 8.75 27.15
N LYS A 348 -5.92 9.85 27.54
CA LYS A 348 -5.25 11.14 27.48
C LYS A 348 -4.18 11.25 28.56
N ASP A 349 -4.28 10.42 29.61
CA ASP A 349 -3.39 10.53 30.77
C ASP A 349 -2.14 9.66 30.77
N ASN A 350 -1.93 8.88 29.71
CA ASN A 350 -0.66 8.19 29.52
C ASN A 350 -0.23 8.26 28.06
N GLU A 351 0.91 7.68 27.72
CA GLU A 351 1.45 7.79 26.37
C GLU A 351 0.73 6.90 25.37
N SER A 352 -0.12 6.00 25.87
CA SER A 352 -0.96 5.17 25.03
C SER A 352 -0.18 4.28 24.03
N LEU A 353 1.00 3.83 24.42
CA LEU A 353 1.72 2.83 23.65
C LEU A 353 0.92 1.54 23.72
N ILE A 354 0.63 0.94 22.57
CA ILE A 354 -0.23 -0.23 22.50
C ILE A 354 0.46 -1.42 21.83
N SER A 355 -0.08 -2.60 22.05
CA SER A 355 0.47 -3.83 21.48
C SER A 355 -0.12 -4.07 20.11
N ARG A 356 0.43 -5.06 19.40
CA ARG A 356 -0.11 -5.44 18.12
C ARG A 356 -1.55 -5.93 18.23
N ALA A 357 -1.82 -6.74 19.25
CA ALA A 357 -3.17 -7.25 19.50
C ALA A 357 -4.14 -6.09 19.72
N GLN A 358 -3.70 -5.10 20.48
CA GLN A 358 -4.58 -3.94 20.71
C GLN A 358 -4.81 -3.14 19.44
N PHE A 359 -3.83 -3.17 18.54
CA PHE A 359 -3.97 -2.49 17.25
C PHE A 359 -5.05 -3.18 16.42
N LEU A 360 -5.00 -4.51 16.35
CA LEU A 360 -5.97 -5.27 15.57
C LEU A 360 -7.37 -5.05 16.12
N ALA A 361 -7.51 -5.12 17.44
CA ALA A 361 -8.79 -4.87 18.08
C ALA A 361 -9.25 -3.47 17.79
N GLY A 362 -8.31 -2.52 17.81
CA GLY A 362 -8.63 -1.12 17.56
C GLY A 362 -9.09 -0.90 16.13
N VAL A 363 -8.52 -1.66 15.20
CA VAL A 363 -8.96 -1.58 13.80
C VAL A 363 -10.42 -2.01 13.65
N ARG A 364 -10.84 -3.06 14.36
CA ARG A 364 -12.24 -3.52 14.26
C ARG A 364 -13.19 -2.43 14.74
N ILE A 365 -12.80 -1.74 15.80
CA ILE A 365 -13.63 -0.66 16.36
C ILE A 365 -13.62 0.58 15.47
N GLY A 366 -12.47 0.91 14.90
CA GLY A 366 -12.34 2.09 14.05
C GLY A 366 -12.91 1.91 12.64
N VAL A 367 -13.01 0.66 12.18
CA VAL A 367 -13.59 0.34 10.88
C VAL A 367 -14.64 -0.73 11.11
N PRO A 368 -15.74 -0.35 11.78
CA PRO A 368 -16.72 -1.36 12.26
C PRO A 368 -17.44 -2.10 11.14
N GLN A 369 -17.46 -1.51 9.94
CA GLN A 369 -18.16 -2.14 8.81
C GLN A 369 -17.27 -3.12 8.04
N ALA A 370 -16.01 -3.26 8.47
CA ALA A 370 -15.05 -4.14 7.77
C ALA A 370 -15.23 -5.62 8.06
N SER A 371 -15.24 -6.43 6.99
CA SER A 371 -15.07 -7.88 7.12
C SER A 371 -13.69 -8.21 7.64
N ASP A 372 -13.50 -9.45 8.06
CA ASP A 372 -12.19 -9.88 8.57
C ASP A 372 -11.08 -9.62 7.54
N LEU A 373 -11.40 -9.77 6.26
CA LEU A 373 -10.42 -9.58 5.19
C LEU A 373 -10.06 -8.11 4.98
N ALA A 374 -11.06 -7.23 4.95
CA ALA A 374 -10.80 -5.80 4.83
C ALA A 374 -9.98 -5.31 6.02
N ALA A 375 -10.30 -5.83 7.20
CA ALA A 375 -9.60 -5.42 8.42
C ALA A 375 -8.14 -5.84 8.31
N GLU A 376 -7.92 -7.06 7.81
CA GLU A 376 -6.59 -7.54 7.52
C GLU A 376 -5.87 -6.61 6.54
N ALA A 377 -6.56 -6.17 5.49
CA ALA A 377 -5.95 -5.25 4.52
C ALA A 377 -5.49 -3.97 5.22
N VAL A 378 -6.31 -3.45 6.13
CA VAL A 378 -5.99 -2.22 6.83
C VAL A 378 -4.76 -2.41 7.73
N VAL A 379 -4.77 -3.49 8.51
CA VAL A 379 -3.66 -3.81 9.41
C VAL A 379 -2.34 -3.96 8.62
N LEU A 380 -2.40 -4.66 7.50
CA LEU A 380 -1.21 -4.91 6.70
C LEU A 380 -0.70 -3.63 6.03
N HIS A 381 -1.61 -2.78 5.58
CA HIS A 381 -1.25 -1.52 4.96
C HIS A 381 -0.59 -0.56 5.96
N TYR A 382 -1.13 -0.53 7.17
CA TYR A 382 -0.68 0.44 8.16
C TYR A 382 0.49 -0.04 9.02
N THR A 383 0.75 -1.35 9.01
CA THR A 383 1.88 -1.90 9.75
C THR A 383 3.20 -1.40 9.17
N ASP A 384 4.15 -1.08 10.04
CA ASP A 384 5.51 -0.84 9.59
C ASP A 384 6.25 -2.17 9.64
N TRP A 385 6.55 -2.76 8.49
CA TRP A 385 7.09 -4.12 8.43
C TRP A 385 8.55 -4.23 8.87
N LEU A 386 9.20 -3.09 9.07
CA LEU A 386 10.53 -3.03 9.70
C LEU A 386 10.45 -3.06 11.25
N HIS A 387 9.34 -2.58 11.78
CA HIS A 387 9.13 -2.57 13.23
C HIS A 387 7.67 -2.91 13.51
N PRO A 388 7.27 -4.14 13.17
CA PRO A 388 5.83 -4.45 13.19
C PRO A 388 5.23 -4.49 14.60
N GLU A 389 6.07 -4.55 15.62
CA GLU A 389 5.59 -4.58 17.00
C GLU A 389 5.90 -3.32 17.82
N ASP A 390 6.46 -2.31 17.17
CA ASP A 390 6.77 -1.08 17.89
C ASP A 390 5.52 -0.35 18.35
N PRO A 391 5.36 -0.20 19.68
CA PRO A 391 4.14 0.36 20.28
C PRO A 391 3.90 1.82 19.97
N THR A 392 4.95 2.61 19.72
CA THR A 392 4.73 4.00 19.36
C THR A 392 4.18 4.11 17.93
N HIS A 393 4.77 3.34 17.01
CA HIS A 393 4.24 3.33 15.66
C HIS A 393 2.81 2.80 15.60
N LEU A 394 2.53 1.75 16.37
CA LEU A 394 1.18 1.17 16.40
C LEU A 394 0.14 2.17 16.87
N ARG A 395 0.48 2.91 17.92
CA ARG A 395 -0.40 3.93 18.46
C ARG A 395 -0.66 4.97 17.37
N ASP A 396 0.41 5.45 16.75
CA ASP A 396 0.28 6.44 15.69
C ASP A 396 -0.48 5.90 14.47
N ALA A 397 -0.28 4.62 14.15
CA ALA A 397 -0.99 4.03 13.02
C ALA A 397 -2.48 3.94 13.33
N MET A 398 -2.82 3.61 14.57
CA MET A 398 -4.25 3.53 14.94
C MET A 398 -4.92 4.89 14.73
N SER A 399 -4.24 5.93 15.16
CA SER A 399 -4.73 7.30 14.95
C SER A 399 -4.91 7.57 13.45
N ALA A 400 -3.90 7.25 12.65
CA ALA A 400 -3.97 7.45 11.19
C ALA A 400 -5.11 6.66 10.53
N VAL A 401 -5.27 5.40 10.89
CA VAL A 401 -6.41 4.61 10.39
C VAL A 401 -7.72 5.39 10.54
N VAL A 402 -7.96 5.89 11.75
CA VAL A 402 -9.22 6.55 12.05
C VAL A 402 -9.34 7.90 11.34
N GLY A 403 -8.25 8.67 11.32
CA GLY A 403 -8.28 9.98 10.69
C GLY A 403 -8.41 9.87 9.17
N ASP A 404 -7.74 8.87 8.58
CA ASP A 404 -7.76 8.71 7.13
C ASP A 404 -9.11 8.21 6.63
N HIS A 405 -9.65 7.21 7.32
CA HIS A 405 -10.90 6.57 6.93
C HIS A 405 -12.02 7.60 6.96
N ASN A 406 -12.08 8.33 8.06
CA ASN A 406 -13.20 9.23 8.36
C ASN A 406 -13.08 10.64 7.81
N VAL A 407 -11.86 11.14 7.65
CA VAL A 407 -11.70 12.54 7.28
C VAL A 407 -10.77 12.79 6.09
N VAL A 408 -9.51 12.40 6.21
CA VAL A 408 -8.53 12.76 5.18
C VAL A 408 -8.91 12.21 3.80
N CYS A 409 -9.24 10.92 3.74
CA CYS A 409 -9.54 10.32 2.45
C CYS A 409 -10.88 10.78 1.85
N PRO A 410 -11.94 10.88 2.69
CA PRO A 410 -13.18 11.49 2.18
C PRO A 410 -12.95 12.90 1.62
N VAL A 411 -12.13 13.69 2.31
CA VAL A 411 -11.83 15.04 1.87
C VAL A 411 -11.08 15.00 0.53
N ALA A 412 -10.05 14.16 0.48
CA ALA A 412 -9.27 14.02 -0.76
C ALA A 412 -10.19 13.61 -1.90
N GLN A 413 -11.13 12.72 -1.59
CA GLN A 413 -12.08 12.26 -2.58
C GLN A 413 -12.97 13.42 -3.05
N LEU A 414 -13.47 14.19 -2.08
CA LEU A 414 -14.33 15.33 -2.39
C LEU A 414 -13.59 16.37 -3.23
N ALA A 415 -12.37 16.71 -2.84
CA ALA A 415 -11.61 17.71 -3.58
C ALA A 415 -11.37 17.25 -5.02
N GLY A 416 -11.02 15.97 -5.17
CA GLY A 416 -10.77 15.40 -6.48
C GLY A 416 -11.99 15.42 -7.38
N ARG A 417 -13.14 15.00 -6.85
CA ARG A 417 -14.37 15.00 -7.65
C ARG A 417 -14.82 16.43 -7.98
N LEU A 418 -14.79 17.31 -6.98
CA LEU A 418 -15.18 18.70 -7.21
C LEU A 418 -14.31 19.37 -8.27
N ALA A 419 -13.00 19.21 -8.15
CA ALA A 419 -12.07 19.80 -9.11
C ALA A 419 -12.25 19.23 -10.52
N ALA A 420 -12.43 17.92 -10.62
CA ALA A 420 -12.60 17.28 -11.93
C ALA A 420 -13.88 17.75 -12.60
N GLN A 421 -14.77 18.35 -11.81
CA GLN A 421 -16.10 18.65 -12.30
C GLN A 421 -16.46 20.14 -12.27
N GLY A 422 -15.45 21.00 -12.25
CA GLY A 422 -15.66 22.41 -12.50
C GLY A 422 -15.37 23.36 -11.36
N ALA A 423 -15.31 22.83 -10.15
CA ALA A 423 -15.16 23.70 -9.00
C ALA A 423 -13.77 24.32 -8.92
N ARG A 424 -13.68 25.49 -8.32
CA ARG A 424 -12.41 26.03 -7.91
C ARG A 424 -12.21 25.56 -6.47
N VAL A 425 -11.20 24.72 -6.26
CA VAL A 425 -10.94 24.13 -4.95
C VAL A 425 -9.63 24.63 -4.38
N TYR A 426 -9.64 25.02 -3.11
CA TYR A 426 -8.40 25.31 -2.36
C TYR A 426 -8.30 24.34 -1.19
N ALA A 427 -7.14 23.73 -1.02
CA ALA A 427 -6.96 22.72 0.02
C ALA A 427 -5.79 23.04 0.96
N TYR A 428 -5.94 22.67 2.23
CA TYR A 428 -4.90 22.94 3.23
C TYR A 428 -4.71 21.75 4.17
N ILE A 429 -3.52 21.67 4.78
CA ILE A 429 -3.39 20.87 6.00
C ILE A 429 -2.99 21.79 7.16
N PHE A 430 -3.69 21.68 8.28
CA PHE A 430 -3.43 22.51 9.45
C PHE A 430 -2.51 21.77 10.44
N GLU A 431 -1.32 22.30 10.65
CA GLU A 431 -0.28 21.55 11.37
C GLU A 431 0.20 22.18 12.67
N HIS A 432 -0.37 23.30 13.06
CA HIS A 432 0.11 23.95 14.26
C HIS A 432 -0.62 23.45 15.51
N ARG A 433 0.14 23.06 16.50
CA ARG A 433 -0.43 22.68 17.77
C ARG A 433 -0.40 23.87 18.72
N ALA A 434 -1.57 24.30 19.18
CA ALA A 434 -1.68 25.43 20.10
C ALA A 434 -0.79 25.23 21.32
N SER A 435 -0.08 26.27 21.73
CA SER A 435 0.75 26.20 22.92
C SER A 435 -0.15 26.00 24.14
N THR A 436 -1.43 26.34 23.95
CA THR A 436 -2.44 26.29 25.00
C THR A 436 -3.22 24.97 25.07
N LEU A 437 -2.86 24.02 24.22
CA LEU A 437 -3.59 22.74 24.13
C LEU A 437 -3.44 21.92 25.42
N THR A 438 -4.55 21.38 25.93
CA THR A 438 -4.51 20.63 27.19
C THR A 438 -4.49 19.11 27.00
N TRP A 439 -4.81 18.65 25.80
CA TRP A 439 -4.63 17.24 25.45
C TRP A 439 -3.13 16.93 25.39
N PRO A 440 -2.74 15.66 25.64
CA PRO A 440 -1.31 15.31 25.63
C PRO A 440 -0.68 15.40 24.25
N LEU A 441 0.64 15.49 24.22
CA LEU A 441 1.40 15.62 22.99
C LEU A 441 1.19 14.51 21.96
N TRP A 442 1.02 13.27 22.42
CA TRP A 442 0.87 12.16 21.47
C TRP A 442 -0.32 12.36 20.54
N MET A 443 -1.30 13.13 20.99
CA MET A 443 -2.48 13.35 20.16
C MET A 443 -2.20 14.34 19.03
N GLY A 444 -1.06 15.04 19.08
CA GLY A 444 -0.65 15.92 18.00
C GLY A 444 -1.57 17.13 17.86
N VAL A 445 -2.02 17.41 16.62
CA VAL A 445 -2.98 18.49 16.36
C VAL A 445 -4.33 17.83 16.13
N PRO A 446 -5.16 17.73 17.18
CA PRO A 446 -6.36 16.88 17.07
C PRO A 446 -7.52 17.56 16.37
N HIS A 447 -8.50 16.75 15.97
CA HIS A 447 -9.77 17.18 15.40
C HIS A 447 -10.37 18.37 16.16
N GLY A 448 -10.64 19.47 15.45
CA GLY A 448 -11.31 20.62 16.05
C GLY A 448 -10.38 21.75 16.43
N TYR A 449 -9.07 21.49 16.44
CA TYR A 449 -8.15 22.45 17.05
C TYR A 449 -7.55 23.50 16.12
N GLU A 450 -8.18 23.66 14.96
CA GLU A 450 -7.86 24.77 14.07
C GLU A 450 -8.86 25.91 14.29
N ILE A 451 -10.02 25.56 14.85
CA ILE A 451 -11.16 26.47 14.94
C ILE A 451 -10.83 27.75 15.68
N GLU A 452 -10.25 27.61 16.86
CA GLU A 452 -9.89 28.76 17.69
C GLU A 452 -8.93 29.73 16.98
N PHE A 453 -8.21 29.25 15.97
CA PHE A 453 -7.38 30.15 15.16
C PHE A 453 -8.16 30.88 14.06
N ILE A 454 -9.02 30.17 13.34
CA ILE A 454 -9.86 30.78 12.30
C ILE A 454 -10.73 31.89 12.90
N PHE A 455 -11.21 31.68 14.13
CA PHE A 455 -12.07 32.65 14.78
C PHE A 455 -11.30 33.73 15.51
N GLY A 456 -9.99 33.56 15.63
CA GLY A 456 -9.14 34.64 16.14
C GLY A 456 -9.07 34.75 17.65
N LEU A 457 -9.36 33.66 18.36
CA LEU A 457 -9.20 33.66 19.81
C LEU A 457 -7.79 34.10 20.33
N PRO A 458 -6.71 33.73 19.62
CA PRO A 458 -5.38 34.21 20.06
C PRO A 458 -5.26 35.73 20.23
N LEU A 459 -6.22 36.50 19.70
CA LEU A 459 -6.26 37.95 19.88
C LEU A 459 -6.70 38.40 21.28
N ASP A 460 -7.29 37.47 22.04
CA ASP A 460 -7.67 37.73 23.43
C ASP A 460 -6.44 37.59 24.32
N PRO A 461 -5.98 38.71 24.92
CA PRO A 461 -4.73 38.70 25.69
C PRO A 461 -4.79 37.77 26.91
N SER A 462 -5.99 37.60 27.46
CA SER A 462 -6.17 36.74 28.62
C SER A 462 -5.99 35.25 28.35
N LEU A 463 -5.87 34.87 27.07
CA LEU A 463 -5.78 33.46 26.72
C LEU A 463 -4.36 32.88 26.61
N ASN A 464 -3.35 33.74 26.78
CA ASN A 464 -1.95 33.29 26.88
C ASN A 464 -1.33 32.64 25.63
N TYR A 465 -1.88 32.93 24.45
CA TYR A 465 -1.26 32.48 23.23
C TYR A 465 0.04 33.27 23.02
N THR A 466 0.98 32.70 22.27
CA THR A 466 2.23 33.39 21.98
C THR A 466 1.98 34.45 20.92
N THR A 467 2.93 35.38 20.82
CA THR A 467 2.89 36.45 19.83
C THR A 467 2.76 35.90 18.42
N GLU A 468 3.58 34.91 18.08
CA GLU A 468 3.53 34.30 16.76
C GLU A 468 2.18 33.64 16.47
N GLU A 469 1.58 33.03 17.48
CA GLU A 469 0.25 32.43 17.32
C GLU A 469 -0.81 33.51 17.04
N ARG A 470 -0.61 34.68 17.65
CA ARG A 470 -1.47 35.82 17.41
C ARG A 470 -1.36 36.24 15.93
N ILE A 471 -0.14 36.38 15.45
CA ILE A 471 0.11 36.72 14.05
C ILE A 471 -0.45 35.64 13.12
N PHE A 472 -0.24 34.38 13.48
CA PHE A 472 -0.74 33.25 12.71
C PHE A 472 -2.28 33.27 12.60
N ALA A 473 -2.96 33.60 13.70
CA ALA A 473 -4.42 33.66 13.67
C ALA A 473 -4.90 34.75 12.70
N GLN A 474 -4.23 35.89 12.72
CA GLN A 474 -4.57 36.99 11.81
C GLN A 474 -4.41 36.57 10.36
N ARG A 475 -3.37 35.78 10.07
CA ARG A 475 -3.17 35.22 8.74
C ARG A 475 -4.35 34.36 8.32
N LEU A 476 -4.81 33.50 9.22
CA LEU A 476 -5.89 32.57 8.90
C LEU A 476 -7.22 33.30 8.69
N MET A 477 -7.45 34.33 9.49
CA MET A 477 -8.64 35.16 9.33
C MET A 477 -8.63 35.85 7.97
N LYS A 478 -7.44 36.27 7.53
CA LYS A 478 -7.28 36.88 6.22
C LYS A 478 -7.64 35.91 5.10
N TYR A 479 -7.08 34.69 5.16
CA TYR A 479 -7.35 33.69 4.13
C TYR A 479 -8.86 33.42 4.02
N TRP A 480 -9.47 33.13 5.17
CA TRP A 480 -10.89 32.79 5.22
C TRP A 480 -11.75 33.95 4.72
N THR A 481 -11.51 35.16 5.24
CA THR A 481 -12.30 36.31 4.82
C THR A 481 -12.02 36.78 3.39
N ASN A 482 -10.81 36.55 2.87
CA ASN A 482 -10.55 36.87 1.46
C ASN A 482 -11.26 35.85 0.58
N PHE A 483 -11.25 34.60 1.02
CA PHE A 483 -11.98 33.59 0.28
C PHE A 483 -13.47 33.94 0.24
N ALA A 484 -14.05 34.30 1.40
CA ALA A 484 -15.44 34.73 1.43
C ALA A 484 -15.69 35.92 0.50
N ARG A 485 -14.75 36.87 0.50
CA ARG A 485 -14.92 38.08 -0.30
C ARG A 485 -14.79 37.81 -1.80
N THR A 486 -13.84 36.97 -2.18
CA THR A 486 -13.42 36.88 -3.59
C THR A 486 -13.47 35.47 -4.15
N GLY A 487 -13.57 34.48 -3.28
CA GLY A 487 -13.41 33.10 -3.70
C GLY A 487 -11.95 32.72 -3.88
N ASP A 488 -11.06 33.52 -3.29
CA ASP A 488 -9.61 33.31 -3.39
C ASP A 488 -8.99 33.71 -2.07
N PRO A 489 -8.36 32.75 -1.37
CA PRO A 489 -7.78 33.06 -0.05
C PRO A 489 -6.58 34.00 -0.13
N ASN A 490 -5.95 34.11 -1.31
CA ASN A 490 -4.80 35.00 -1.48
C ASN A 490 -5.17 36.48 -1.42
N ASP A 491 -4.25 37.30 -0.95
CA ASP A 491 -4.44 38.75 -0.90
C ASP A 491 -3.83 39.40 -2.14
N PRO A 492 -4.57 40.31 -2.80
CA PRO A 492 -4.12 40.98 -4.03
C PRO A 492 -3.07 42.05 -3.74
N ARG A 493 -3.26 42.80 -2.66
CA ARG A 493 -2.31 43.84 -2.26
C ARG A 493 -0.98 43.28 -1.75
N ASP A 494 -0.82 41.96 -1.86
CA ASP A 494 0.35 41.30 -1.31
C ASP A 494 0.91 40.21 -2.23
N SER A 495 1.94 40.56 -3.01
CA SER A 495 2.63 39.58 -3.86
C SER A 495 3.90 39.06 -3.19
N LYS A 496 4.24 39.63 -2.03
CA LYS A 496 5.37 39.16 -1.24
C LYS A 496 5.16 37.73 -0.72
N SER A 497 4.09 37.51 0.04
CA SER A 497 3.77 36.19 0.59
C SER A 497 3.52 35.17 -0.52
N PRO A 498 3.96 33.92 -0.31
CA PRO A 498 3.77 32.86 -1.30
C PRO A 498 2.28 32.65 -1.58
N GLN A 499 1.98 32.21 -2.80
CA GLN A 499 0.61 32.07 -3.24
C GLN A 499 0.06 30.69 -2.90
N TRP A 500 -1.26 30.63 -2.76
CA TRP A 500 -1.97 29.40 -2.48
C TRP A 500 -2.64 28.98 -3.79
N PRO A 501 -2.05 27.98 -4.49
CA PRO A 501 -2.59 27.49 -5.77
C PRO A 501 -3.82 26.64 -5.53
N PRO A 502 -4.73 26.61 -6.51
CA PRO A 502 -5.94 25.79 -6.34
C PRO A 502 -5.63 24.29 -6.43
N TYR A 503 -6.41 23.46 -5.75
CA TYR A 503 -6.25 22.01 -5.90
C TYR A 503 -6.75 21.61 -7.28
N THR A 504 -5.93 20.86 -8.02
CA THR A 504 -6.35 20.32 -9.31
C THR A 504 -6.10 18.82 -9.38
N THR A 505 -6.81 18.16 -10.28
CA THR A 505 -6.62 16.73 -10.46
C THR A 505 -5.21 16.45 -10.97
N ALA A 506 -4.70 17.34 -11.82
CA ALA A 506 -3.38 17.14 -12.42
C ALA A 506 -2.23 17.27 -11.43
N ALA A 507 -2.24 18.32 -10.62
CA ALA A 507 -1.10 18.62 -9.75
C ALA A 507 -1.37 18.36 -8.26
N GLN A 508 -2.65 18.39 -7.87
CA GLN A 508 -3.01 18.00 -6.51
C GLN A 508 -2.30 18.83 -5.44
N GLN A 509 -2.28 20.15 -5.65
CA GLN A 509 -1.59 21.05 -4.72
C GLN A 509 -2.45 21.50 -3.54
N TYR A 510 -1.88 21.44 -2.35
CA TYR A 510 -2.49 21.99 -1.14
C TYR A 510 -1.38 22.69 -0.37
N VAL A 511 -1.75 23.51 0.62
CA VAL A 511 -0.74 24.22 1.41
C VAL A 511 -0.73 23.79 2.88
N SER A 512 0.46 23.85 3.50
CA SER A 512 0.56 23.67 4.95
C SER A 512 0.28 24.97 5.72
N LEU A 513 -0.71 24.92 6.61
CA LEU A 513 -0.96 26.03 7.54
C LEU A 513 -0.21 25.86 8.88
N ASN A 514 0.82 26.66 9.09
CA ASN A 514 1.55 26.67 10.36
C ASN A 514 2.26 28.01 10.56
N LEU A 515 3.13 28.09 11.56
CA LEU A 515 3.77 29.38 11.88
C LEU A 515 4.67 29.87 10.74
N LYS A 516 5.14 28.93 9.91
CA LYS A 516 6.03 29.27 8.79
C LYS A 516 5.19 29.77 7.61
N PRO A 517 5.80 30.52 6.69
CA PRO A 517 5.03 30.98 5.52
C PRO A 517 4.48 29.78 4.74
N LEU A 518 3.41 29.98 3.97
CA LEU A 518 2.79 28.90 3.20
C LEU A 518 3.83 28.07 2.44
N GLU A 519 3.67 26.76 2.51
CA GLU A 519 4.49 25.85 1.73
C GLU A 519 3.54 24.99 0.88
N VAL A 520 3.82 24.91 -0.42
CA VAL A 520 2.98 24.13 -1.33
C VAL A 520 3.41 22.68 -1.39
N ARG A 521 2.52 21.76 -1.03
CA ARG A 521 2.79 20.33 -1.15
C ARG A 521 1.85 19.70 -2.19
N ARG A 522 2.17 18.47 -2.60
CA ARG A 522 1.40 17.81 -3.65
C ARG A 522 0.96 16.42 -3.25
N GLY A 523 -0.34 16.14 -3.43
CA GLY A 523 -0.87 14.82 -3.17
C GLY A 523 -1.32 14.73 -1.73
N LEU A 524 -2.61 14.54 -1.55
CA LEU A 524 -3.17 14.48 -0.23
C LEU A 524 -3.33 13.01 0.15
N ARG A 525 -2.29 12.44 0.77
CA ARG A 525 -2.26 11.02 1.08
C ARG A 525 -2.65 10.16 -0.12
N ALA A 526 -2.07 10.47 -1.28
CA ALA A 526 -2.51 9.87 -2.52
C ALA A 526 -2.51 8.34 -2.49
N GLN A 527 -1.37 7.74 -2.15
CA GLN A 527 -1.27 6.27 -2.12
C GLN A 527 -2.27 5.67 -1.15
N THR A 528 -2.27 6.17 0.08
CA THR A 528 -3.11 5.58 1.12
C THR A 528 -4.59 5.81 0.84
N CYS A 529 -4.94 6.97 0.29
CA CYS A 529 -6.33 7.23 -0.02
C CYS A 529 -6.84 6.43 -1.20
N ALA A 530 -5.94 6.01 -2.10
CA ALA A 530 -6.33 5.08 -3.17
C ALA A 530 -6.80 3.76 -2.56
N PHE A 531 -6.11 3.33 -1.51
CA PHE A 531 -6.54 2.17 -0.72
C PHE A 531 -7.95 2.35 -0.16
N TRP A 532 -8.20 3.44 0.57
CA TRP A 532 -9.52 3.66 1.17
C TRP A 532 -10.62 3.98 0.15
N ASN A 533 -10.29 4.80 -0.84
CA ASN A 533 -11.29 5.35 -1.78
C ASN A 533 -11.56 4.49 -3.03
N ARG A 534 -10.59 3.69 -3.44
CA ARG A 534 -10.75 2.88 -4.65
C ARG A 534 -10.79 1.39 -4.37
N PHE A 535 -9.94 0.91 -3.46
CA PHE A 535 -9.82 -0.53 -3.25
C PHE A 535 -10.77 -1.12 -2.21
N LEU A 536 -10.81 -0.52 -1.02
CA LEU A 536 -11.63 -1.06 0.06
C LEU A 536 -13.12 -1.28 -0.29
N PRO A 537 -13.76 -0.31 -0.97
CA PRO A 537 -15.16 -0.54 -1.35
C PRO A 537 -15.34 -1.79 -2.20
N LYS A 538 -14.43 -2.02 -3.15
CA LYS A 538 -14.47 -3.22 -3.99
C LYS A 538 -14.41 -4.49 -3.14
N LEU A 539 -13.55 -4.45 -2.13
CA LEU A 539 -13.29 -5.61 -1.28
C LEU A 539 -14.48 -5.92 -0.38
N LEU A 540 -15.11 -4.87 0.15
CA LEU A 540 -16.31 -5.01 0.96
C LEU A 540 -17.48 -5.55 0.14
N SER A 541 -17.58 -5.12 -1.13
CA SER A 541 -18.66 -5.55 -2.00
C SER A 541 -18.37 -6.91 -2.65
N ALA A 542 -17.73 -7.81 -1.91
CA ALA A 542 -17.40 -9.14 -2.39
C ALA A 542 -17.02 -10.09 -1.24
N GLU B 4 52.54 -36.97 -22.10
CA GLU B 4 51.34 -37.19 -21.29
C GLU B 4 51.45 -36.45 -19.93
N ASP B 5 50.78 -35.30 -19.82
CA ASP B 5 50.80 -34.51 -18.59
C ASP B 5 50.01 -35.22 -17.48
N PRO B 6 50.71 -35.61 -16.40
CA PRO B 6 50.10 -36.36 -15.29
C PRO B 6 49.19 -35.50 -14.42
N GLN B 7 49.34 -34.18 -14.51
CA GLN B 7 48.40 -33.27 -13.85
C GLN B 7 47.04 -33.38 -14.49
N LEU B 8 47.00 -33.84 -15.74
CA LEU B 8 45.75 -33.85 -16.50
C LEU B 8 45.14 -35.24 -16.60
N LEU B 9 45.74 -36.20 -15.88
CA LEU B 9 45.26 -37.57 -15.88
C LEU B 9 44.69 -37.96 -14.51
N VAL B 10 43.41 -38.32 -14.51
CA VAL B 10 42.70 -38.61 -13.27
C VAL B 10 41.98 -39.95 -13.38
N ARG B 11 42.08 -40.76 -12.33
CA ARG B 11 41.27 -41.96 -12.23
C ARG B 11 40.05 -41.73 -11.32
N VAL B 12 38.86 -41.82 -11.88
CA VAL B 12 37.64 -41.81 -11.06
C VAL B 12 37.11 -43.24 -10.96
N ARG B 13 35.99 -43.43 -10.26
CA ARG B 13 35.41 -44.76 -10.10
C ARG B 13 35.10 -45.44 -11.43
N GLY B 14 34.67 -44.68 -12.43
CA GLY B 14 34.31 -45.25 -13.72
C GLY B 14 35.48 -45.62 -14.62
N GLY B 15 36.66 -45.09 -14.31
CA GLY B 15 37.84 -45.29 -15.15
C GLY B 15 38.75 -44.07 -15.21
N GLN B 16 39.62 -44.03 -16.21
CA GLN B 16 40.56 -42.92 -16.35
C GLN B 16 40.04 -41.80 -17.26
N LEU B 17 40.39 -40.57 -16.91
CA LEU B 17 40.01 -39.37 -17.65
C LEU B 17 41.27 -38.61 -18.03
N ARG B 18 41.22 -37.91 -19.16
CA ARG B 18 42.27 -36.97 -19.53
C ARG B 18 41.64 -35.60 -19.68
N GLY B 19 42.10 -34.65 -18.87
CA GLY B 19 41.62 -33.29 -18.95
C GLY B 19 42.46 -32.44 -19.88
N ILE B 20 42.27 -31.14 -19.85
CA ILE B 20 43.04 -30.24 -20.72
C ILE B 20 43.55 -29.07 -19.91
N ARG B 21 44.74 -28.57 -20.25
CA ARG B 21 45.26 -27.39 -19.57
C ARG B 21 44.82 -26.15 -20.33
N LEU B 22 44.06 -25.29 -19.66
CA LEU B 22 43.58 -24.06 -20.29
C LEU B 22 44.42 -22.89 -19.83
N LYS B 23 44.35 -21.79 -20.57
CA LYS B 23 44.97 -20.55 -20.12
C LYS B 23 43.91 -19.60 -19.55
N ALA B 24 44.18 -19.10 -18.35
CA ALA B 24 43.42 -18.00 -17.76
C ALA B 24 44.40 -16.84 -17.72
N PRO B 25 43.90 -15.60 -17.67
CA PRO B 25 44.81 -14.45 -17.77
C PRO B 25 45.94 -14.45 -16.76
N GLY B 26 45.75 -15.08 -15.61
CA GLY B 26 46.75 -15.08 -14.55
C GLY B 26 47.60 -16.33 -14.48
N GLY B 27 47.19 -17.38 -15.19
CA GLY B 27 47.91 -18.64 -15.21
C GLY B 27 47.08 -19.79 -15.75
N PRO B 28 47.65 -21.01 -15.76
CA PRO B 28 46.94 -22.19 -16.28
C PRO B 28 45.91 -22.76 -15.31
N VAL B 29 44.94 -23.48 -15.84
CA VAL B 29 43.99 -24.23 -15.02
C VAL B 29 43.77 -25.60 -15.65
N SER B 30 43.36 -26.55 -14.84
CA SER B 30 43.07 -27.89 -15.31
C SER B 30 41.57 -28.00 -15.52
N ALA B 31 41.13 -28.33 -16.74
CA ALA B 31 39.71 -28.54 -17.00
C ALA B 31 39.43 -29.97 -17.44
N PHE B 32 38.39 -30.56 -16.87
CA PHE B 32 37.96 -31.91 -17.22
C PHE B 32 36.50 -31.79 -17.65
N LEU B 33 36.28 -31.75 -18.96
CA LEU B 33 34.99 -31.36 -19.54
C LEU B 33 34.27 -32.56 -20.17
N GLY B 34 32.95 -32.63 -19.98
CA GLY B 34 32.15 -33.66 -20.62
C GLY B 34 32.37 -35.03 -19.99
N ILE B 35 32.47 -35.07 -18.66
CA ILE B 35 32.53 -36.34 -17.92
C ILE B 35 31.13 -36.92 -17.73
N PRO B 36 30.89 -38.15 -18.21
CA PRO B 36 29.56 -38.76 -18.06
C PRO B 36 29.30 -39.19 -16.63
N PHE B 37 28.19 -38.75 -16.05
CA PHE B 37 27.86 -39.20 -14.70
C PHE B 37 26.60 -40.08 -14.68
N ALA B 38 26.03 -40.28 -15.85
CA ALA B 38 24.83 -41.12 -15.96
C ALA B 38 24.79 -41.87 -17.27
N GLU B 39 24.10 -43.01 -17.29
CA GLU B 39 23.74 -43.65 -18.55
C GLU B 39 22.87 -42.65 -19.32
N PRO B 40 23.16 -42.50 -20.63
CA PRO B 40 22.34 -41.63 -21.50
C PRO B 40 20.84 -41.94 -21.40
N PRO B 41 20.01 -40.92 -21.09
CA PRO B 41 18.57 -41.11 -20.84
C PRO B 41 17.75 -41.15 -22.12
N VAL B 42 18.09 -42.09 -23.01
CA VAL B 42 17.52 -42.13 -24.35
C VAL B 42 16.66 -43.37 -24.54
N GLY B 43 15.81 -43.34 -25.55
CA GLY B 43 14.96 -44.49 -25.84
C GLY B 43 13.97 -44.73 -24.71
N SER B 44 14.04 -45.91 -24.10
CA SER B 44 13.09 -46.29 -23.06
C SER B 44 13.41 -45.61 -21.72
N ARG B 45 14.52 -44.87 -21.68
CA ARG B 45 14.93 -44.14 -20.49
C ARG B 45 14.47 -42.68 -20.51
N ARG B 46 13.74 -42.28 -21.55
CA ARG B 46 13.22 -40.93 -21.62
C ARG B 46 12.15 -40.80 -20.55
N PHE B 47 12.19 -39.72 -19.77
CA PHE B 47 11.28 -39.45 -18.64
C PHE B 47 11.63 -40.25 -17.37
N MET B 48 12.60 -41.16 -17.48
CA MET B 48 12.97 -42.05 -16.37
C MET B 48 14.07 -41.45 -15.51
N PRO B 49 14.12 -41.81 -14.22
CA PRO B 49 15.22 -41.40 -13.34
C PRO B 49 16.57 -41.81 -13.95
N PRO B 50 17.63 -41.03 -13.69
CA PRO B 50 18.95 -41.36 -14.25
C PRO B 50 19.59 -42.58 -13.57
N GLU B 51 20.34 -43.37 -14.32
CA GLU B 51 21.10 -44.46 -13.74
C GLU B 51 22.57 -44.12 -13.80
N PRO B 52 23.36 -44.56 -12.80
CA PRO B 52 24.79 -44.26 -12.74
C PRO B 52 25.52 -44.70 -14.03
N LYS B 53 26.46 -43.89 -14.50
CA LYS B 53 27.24 -44.26 -15.70
C LYS B 53 28.01 -45.55 -15.43
N ARG B 54 28.00 -46.44 -16.41
CA ARG B 54 28.77 -47.68 -16.33
C ARG B 54 30.27 -47.38 -16.58
N PRO B 55 31.16 -48.21 -16.01
CA PRO B 55 32.62 -48.04 -16.19
C PRO B 55 33.06 -48.06 -17.65
N TRP B 56 34.22 -47.48 -17.94
CA TRP B 56 34.76 -47.48 -19.31
C TRP B 56 36.20 -47.97 -19.35
N SER B 57 36.63 -48.46 -20.52
CA SER B 57 38.00 -48.91 -20.73
C SER B 57 38.90 -47.74 -21.16
N GLY B 58 40.21 -47.92 -21.06
CA GLY B 58 41.17 -46.93 -21.52
C GLY B 58 41.08 -45.56 -20.84
N VAL B 59 41.44 -44.52 -21.59
CA VAL B 59 41.44 -43.15 -21.09
C VAL B 59 40.33 -42.35 -21.79
N LEU B 60 39.32 -41.94 -21.03
CA LEU B 60 38.22 -41.18 -21.61
C LEU B 60 38.63 -39.72 -21.84
N ASP B 61 38.48 -39.26 -23.08
CA ASP B 61 38.80 -37.86 -23.43
C ASP B 61 37.85 -36.87 -22.75
N ALA B 62 38.36 -36.12 -21.78
CA ALA B 62 37.56 -35.11 -21.08
C ALA B 62 38.09 -33.70 -21.33
N THR B 63 38.37 -33.39 -22.60
CA THR B 63 39.02 -32.13 -22.96
C THR B 63 38.07 -31.18 -23.67
N THR B 64 36.81 -31.57 -23.79
CA THR B 64 35.85 -30.77 -24.54
C THR B 64 34.43 -30.87 -23.96
N PHE B 65 33.65 -29.82 -24.14
CA PHE B 65 32.28 -29.79 -23.64
C PHE B 65 31.39 -30.78 -24.38
N GLN B 66 30.48 -31.39 -23.66
CA GLN B 66 29.56 -32.33 -24.29
C GLN B 66 28.29 -31.66 -24.83
N ASN B 67 27.40 -32.46 -25.42
CA ASN B 67 26.16 -31.95 -25.97
C ASN B 67 25.29 -31.27 -24.92
N VAL B 68 24.48 -30.30 -25.37
CA VAL B 68 23.52 -29.62 -24.52
C VAL B 68 22.22 -30.41 -24.51
N CYS B 69 21.57 -30.51 -23.35
CA CYS B 69 20.30 -31.20 -23.21
C CYS B 69 19.21 -30.64 -24.14
N TYR B 70 18.49 -31.54 -24.81
CA TYR B 70 17.51 -31.13 -25.80
C TYR B 70 16.51 -30.12 -25.22
N GLN B 71 16.35 -28.99 -25.92
CA GLN B 71 15.58 -27.87 -25.38
C GLN B 71 15.17 -26.87 -26.44
N TYR B 72 14.11 -26.14 -26.12
CA TYR B 72 13.68 -24.97 -26.88
C TYR B 72 14.85 -23.99 -27.03
N VAL B 73 15.00 -23.45 -28.23
CA VAL B 73 16.02 -22.44 -28.53
C VAL B 73 15.34 -21.10 -28.83
N ASP B 74 15.78 -20.04 -28.13
CA ASP B 74 15.16 -18.73 -28.27
C ASP B 74 15.30 -18.11 -29.67
N THR B 75 14.23 -17.48 -30.16
CA THR B 75 14.22 -16.88 -31.50
C THR B 75 13.69 -15.45 -31.53
N LEU B 76 13.50 -14.83 -30.37
CA LEU B 76 12.95 -13.48 -30.30
C LEU B 76 13.82 -12.46 -31.02
N TYR B 77 15.10 -12.46 -30.72
CA TYR B 77 16.03 -11.54 -31.34
C TYR B 77 17.21 -12.32 -31.89
N PRO B 78 17.05 -12.89 -33.10
CA PRO B 78 18.07 -13.72 -33.74
C PRO B 78 19.37 -12.94 -33.94
N GLY B 79 20.49 -13.46 -33.45
CA GLY B 79 21.78 -12.81 -33.65
C GLY B 79 22.12 -11.76 -32.60
N PHE B 80 21.16 -11.44 -31.74
CA PHE B 80 21.37 -10.45 -30.70
C PHE B 80 22.09 -11.08 -29.51
N GLU B 81 23.26 -10.51 -29.19
CA GLU B 81 24.11 -10.96 -28.09
C GLU B 81 23.36 -11.18 -26.76
N GLY B 82 22.43 -10.28 -26.44
CA GLY B 82 21.71 -10.36 -25.16
C GLY B 82 20.90 -11.64 -24.95
N THR B 83 20.47 -12.25 -26.05
CA THR B 83 19.69 -13.48 -25.97
C THR B 83 20.55 -14.69 -26.28
N GLU B 84 21.40 -14.56 -27.29
CA GLU B 84 22.17 -15.68 -27.80
C GLU B 84 23.16 -16.20 -26.77
N MET B 85 23.58 -15.32 -25.86
CA MET B 85 24.50 -15.69 -24.78
C MET B 85 23.90 -16.75 -23.86
N TRP B 86 22.57 -16.90 -23.88
CA TRP B 86 21.91 -17.96 -23.10
C TRP B 86 21.59 -19.18 -23.93
N ASN B 87 21.70 -19.05 -25.25
CA ASN B 87 21.36 -20.14 -26.17
C ASN B 87 22.40 -21.26 -26.16
N PRO B 88 21.97 -22.50 -26.48
CA PRO B 88 22.91 -23.64 -26.50
C PRO B 88 24.11 -23.34 -27.39
N ASN B 89 25.31 -23.60 -26.87
CA ASN B 89 26.54 -23.35 -27.63
C ASN B 89 27.21 -24.65 -28.05
N ARG B 90 26.50 -25.78 -27.87
CA ARG B 90 26.89 -27.07 -28.43
C ARG B 90 25.66 -27.74 -29.02
N GLU B 91 25.85 -28.85 -29.74
CA GLU B 91 24.74 -29.58 -30.36
C GLU B 91 23.73 -30.04 -29.32
N LEU B 92 22.46 -30.07 -29.71
CA LEU B 92 21.40 -30.57 -28.85
C LEU B 92 21.35 -32.10 -28.90
N SER B 93 21.14 -32.71 -27.74
CA SER B 93 20.99 -34.17 -27.69
C SER B 93 20.29 -34.56 -26.42
N GLU B 94 19.53 -35.65 -26.46
CA GLU B 94 19.01 -36.23 -25.23
C GLU B 94 20.12 -36.95 -24.47
N ASP B 95 21.17 -37.32 -25.21
CA ASP B 95 22.37 -37.85 -24.58
C ASP B 95 23.20 -36.67 -24.08
N CYS B 96 22.95 -36.24 -22.85
CA CYS B 96 23.50 -34.98 -22.37
C CYS B 96 23.92 -34.95 -20.91
N LEU B 97 23.93 -36.11 -20.25
CA LEU B 97 24.20 -36.11 -18.81
C LEU B 97 25.71 -36.20 -18.52
N TYR B 98 26.35 -35.04 -18.56
CA TYR B 98 27.80 -34.93 -18.39
C TYR B 98 28.07 -33.78 -17.45
N LEU B 99 29.21 -33.80 -16.77
CA LEU B 99 29.59 -32.68 -15.92
C LEU B 99 30.99 -32.19 -16.24
N ASN B 100 31.32 -31.02 -15.71
CA ASN B 100 32.61 -30.39 -15.96
C ASN B 100 33.29 -30.04 -14.63
N VAL B 101 34.61 -30.17 -14.58
CA VAL B 101 35.38 -29.81 -13.39
C VAL B 101 36.55 -28.88 -13.77
N TRP B 102 36.67 -27.75 -13.09
CA TRP B 102 37.85 -26.92 -13.22
C TRP B 102 38.60 -26.95 -11.88
N THR B 103 39.92 -27.03 -11.93
CA THR B 103 40.75 -26.96 -10.72
C THR B 103 41.98 -26.11 -11.03
N PRO B 104 42.70 -25.67 -9.99
CA PRO B 104 43.99 -25.05 -10.26
C PRO B 104 44.94 -25.99 -11.01
N TYR B 105 45.85 -25.41 -11.79
CA TYR B 105 46.99 -26.14 -12.33
C TYR B 105 48.23 -25.66 -11.58
N PRO B 106 48.92 -26.57 -10.89
CA PRO B 106 48.58 -28.00 -10.80
C PRO B 106 47.48 -28.26 -9.77
N ARG B 107 46.95 -29.49 -9.79
CA ARG B 107 45.95 -29.95 -8.84
C ARG B 107 46.31 -29.59 -7.41
N PRO B 108 45.35 -29.01 -6.66
CA PRO B 108 45.51 -28.59 -5.26
C PRO B 108 46.29 -29.60 -4.41
N ALA B 109 47.18 -29.12 -3.56
CA ALA B 109 48.00 -29.98 -2.71
C ALA B 109 47.23 -30.44 -1.47
N SER B 110 46.18 -29.71 -1.11
CA SER B 110 45.34 -30.06 0.02
C SER B 110 43.87 -30.07 -0.40
N PRO B 111 43.01 -30.80 0.35
CA PRO B 111 41.58 -30.86 0.01
C PRO B 111 40.93 -29.47 -0.09
N THR B 112 40.43 -29.15 -1.28
CA THR B 112 39.92 -27.81 -1.58
C THR B 112 38.39 -27.76 -1.63
N PRO B 113 37.78 -26.76 -0.97
CA PRO B 113 36.32 -26.55 -1.01
C PRO B 113 35.79 -26.57 -2.45
N VAL B 114 34.62 -27.19 -2.63
CA VAL B 114 34.04 -27.39 -3.96
C VAL B 114 32.84 -26.47 -4.16
N LEU B 115 32.77 -25.83 -5.33
CA LEU B 115 31.58 -25.07 -5.71
C LEU B 115 30.87 -25.86 -6.82
N ILE B 116 29.56 -26.09 -6.66
CA ILE B 116 28.80 -26.75 -7.69
C ILE B 116 27.73 -25.83 -8.27
N TRP B 117 27.87 -25.51 -9.55
CA TRP B 117 26.96 -24.59 -10.24
C TRP B 117 25.77 -25.33 -10.87
N ILE B 118 24.56 -24.89 -10.56
CA ILE B 118 23.37 -25.37 -11.25
C ILE B 118 22.75 -24.25 -12.11
N TYR B 119 22.90 -24.34 -13.43
CA TYR B 119 22.37 -23.30 -14.32
C TYR B 119 20.86 -23.09 -14.23
N GLY B 120 20.42 -21.88 -14.57
CA GLY B 120 19.01 -21.58 -14.68
C GLY B 120 18.53 -21.69 -16.12
N GLY B 121 17.40 -21.05 -16.40
CA GLY B 121 16.75 -21.21 -17.69
C GLY B 121 15.32 -21.73 -17.59
N GLY B 122 14.68 -21.42 -16.46
CA GLY B 122 13.27 -21.72 -16.25
C GLY B 122 12.88 -23.19 -16.32
N PHE B 123 13.87 -24.08 -16.13
CA PHE B 123 13.66 -25.52 -16.25
C PHE B 123 13.30 -25.96 -17.68
N TYR B 124 13.34 -25.04 -18.65
CA TYR B 124 13.11 -25.38 -20.06
C TYR B 124 14.39 -25.27 -20.91
N SER B 125 15.47 -24.74 -20.32
CA SER B 125 16.69 -24.45 -21.07
C SER B 125 17.91 -24.33 -20.16
N GLY B 126 19.07 -24.09 -20.78
CA GLY B 126 20.30 -23.91 -20.05
C GLY B 126 21.32 -24.97 -20.43
N ALA B 127 22.57 -24.76 -20.02
CA ALA B 127 23.68 -25.65 -20.32
C ALA B 127 24.85 -25.23 -19.47
N ALA B 128 25.70 -26.18 -19.10
CA ALA B 128 26.85 -25.86 -18.27
C ALA B 128 28.03 -25.38 -19.13
N SER B 129 27.86 -25.41 -20.44
CA SER B 129 28.93 -25.06 -21.38
C SER B 129 28.93 -23.58 -21.77
N LEU B 130 27.94 -22.83 -21.30
CA LEU B 130 27.84 -21.39 -21.66
C LEU B 130 29.09 -20.62 -21.21
N ASP B 131 29.54 -19.70 -22.06
CA ASP B 131 30.65 -18.80 -21.72
C ASP B 131 30.48 -18.15 -20.33
N VAL B 132 29.25 -17.78 -19.95
CA VAL B 132 29.06 -17.08 -18.68
C VAL B 132 29.26 -17.96 -17.45
N TYR B 133 29.34 -19.26 -17.65
CA TYR B 133 29.53 -20.22 -16.55
C TYR B 133 30.93 -20.80 -16.56
N ASP B 134 31.86 -20.12 -17.22
CA ASP B 134 33.25 -20.58 -17.34
C ASP B 134 33.95 -20.57 -15.98
N GLY B 135 34.25 -21.74 -15.45
CA GLY B 135 34.80 -21.86 -14.11
C GLY B 135 36.28 -21.58 -13.97
N ARG B 136 36.94 -21.21 -15.07
CA ARG B 136 38.40 -21.13 -15.04
C ARG B 136 38.92 -19.97 -14.17
N PHE B 137 38.10 -18.94 -13.99
CA PHE B 137 38.57 -17.73 -13.29
C PHE B 137 38.56 -17.95 -11.79
N LEU B 138 37.49 -18.55 -11.31
CA LEU B 138 37.36 -18.91 -9.91
C LEU B 138 38.42 -19.93 -9.50
N ALA B 139 38.72 -20.85 -10.41
CA ALA B 139 39.72 -21.86 -10.12
C ALA B 139 41.12 -21.25 -10.14
N GLN B 140 41.38 -20.38 -11.12
CA GLN B 140 42.70 -19.75 -11.22
C GLN B 140 42.97 -18.73 -10.12
N VAL B 141 41.99 -17.87 -9.86
CA VAL B 141 42.21 -16.73 -8.98
C VAL B 141 41.95 -17.06 -7.51
N GLU B 142 40.90 -17.82 -7.26
CA GLU B 142 40.53 -18.20 -5.90
C GLU B 142 40.96 -19.61 -5.52
N GLY B 143 41.50 -20.36 -6.49
CA GLY B 143 41.93 -21.71 -6.22
C GLY B 143 40.77 -22.67 -5.98
N ALA B 144 39.59 -22.31 -6.48
CA ALA B 144 38.39 -23.14 -6.25
C ALA B 144 38.38 -24.42 -7.08
N VAL B 145 37.75 -25.46 -6.55
CA VAL B 145 37.39 -26.59 -7.39
C VAL B 145 35.94 -26.34 -7.79
N LEU B 146 35.73 -26.13 -9.09
CA LEU B 146 34.40 -25.76 -9.58
C LEU B 146 33.78 -26.86 -10.44
N VAL B 147 32.54 -27.20 -10.13
CA VAL B 147 31.84 -28.26 -10.85
C VAL B 147 30.51 -27.74 -11.40
N SER B 148 30.20 -28.09 -12.65
CA SER B 148 28.88 -27.80 -13.22
C SER B 148 28.38 -29.01 -13.97
N MET B 149 27.08 -29.31 -13.87
CA MET B 149 26.50 -30.44 -14.60
C MET B 149 25.38 -30.03 -15.57
N ASN B 150 25.21 -30.80 -16.64
CA ASN B 150 24.00 -30.70 -17.44
C ASN B 150 22.91 -31.50 -16.74
N TYR B 151 21.67 -31.00 -16.76
CA TYR B 151 20.53 -31.76 -16.27
C TYR B 151 19.40 -31.59 -17.27
N ARG B 152 18.60 -32.63 -17.45
CA ARG B 152 17.49 -32.57 -18.41
C ARG B 152 16.50 -31.45 -18.07
N VAL B 153 15.99 -30.81 -19.11
CA VAL B 153 15.04 -29.71 -18.95
C VAL B 153 13.82 -29.96 -19.82
N GLY B 154 12.82 -29.10 -19.70
CA GLY B 154 11.61 -29.22 -20.49
C GLY B 154 10.92 -30.55 -20.21
N THR B 155 10.20 -31.07 -21.19
CA THR B 155 9.53 -32.36 -21.07
C THR B 155 10.49 -33.47 -20.62
N PHE B 156 11.68 -33.52 -21.20
CA PHE B 156 12.64 -34.57 -20.91
C PHE B 156 13.03 -34.62 -19.45
N GLY B 157 13.09 -33.47 -18.81
CA GLY B 157 13.48 -33.41 -17.41
C GLY B 157 12.32 -33.40 -16.44
N PHE B 158 11.14 -32.97 -16.89
CA PHE B 158 10.06 -32.67 -15.95
C PHE B 158 8.64 -33.05 -16.34
N LEU B 159 8.44 -33.60 -17.53
CA LEU B 159 7.13 -34.17 -17.84
C LEU B 159 6.86 -35.27 -16.83
N ALA B 160 5.67 -35.24 -16.23
CA ALA B 160 5.33 -36.12 -15.12
C ALA B 160 3.90 -36.61 -15.26
N LEU B 161 3.70 -37.91 -15.09
CA LEU B 161 2.37 -38.45 -14.83
C LEU B 161 2.43 -39.04 -13.43
N PRO B 162 2.20 -38.18 -12.41
CA PRO B 162 2.45 -38.48 -10.99
C PRO B 162 1.84 -39.82 -10.58
N GLY B 163 2.66 -40.67 -9.97
CA GLY B 163 2.21 -42.00 -9.60
C GLY B 163 2.57 -43.07 -10.63
N SER B 164 2.87 -42.66 -11.87
CA SER B 164 3.27 -43.64 -12.89
C SER B 164 4.70 -44.11 -12.62
N ARG B 165 5.03 -45.29 -13.12
CA ARG B 165 6.39 -45.80 -12.93
C ARG B 165 7.30 -45.25 -14.03
N GLU B 166 6.72 -44.89 -15.16
CA GLU B 166 7.50 -44.53 -16.34
C GLU B 166 7.66 -43.04 -16.57
N ALA B 167 7.00 -42.23 -15.73
CA ALA B 167 7.22 -40.79 -15.72
C ALA B 167 6.87 -40.23 -14.35
N PRO B 168 7.74 -40.48 -13.37
CA PRO B 168 7.46 -40.12 -11.98
C PRO B 168 7.50 -38.62 -11.74
N GLY B 169 8.21 -37.88 -12.59
CA GLY B 169 8.42 -36.46 -12.35
C GLY B 169 9.79 -36.18 -11.75
N ASN B 170 10.20 -34.92 -11.80
CA ASN B 170 11.43 -34.45 -11.14
C ASN B 170 12.76 -35.11 -11.57
N VAL B 171 12.78 -35.80 -12.71
CA VAL B 171 14.01 -36.52 -13.09
C VAL B 171 15.21 -35.58 -13.37
N GLY B 172 14.91 -34.38 -13.82
CA GLY B 172 15.96 -33.38 -13.99
C GLY B 172 16.56 -33.04 -12.63
N LEU B 173 15.72 -33.03 -11.60
CA LEU B 173 16.24 -32.82 -10.25
C LEU B 173 17.11 -34.02 -9.87
N LEU B 174 16.61 -35.22 -10.17
CA LEU B 174 17.40 -36.43 -9.92
C LEU B 174 18.74 -36.48 -10.70
N ASP B 175 18.81 -35.83 -11.89
CA ASP B 175 20.09 -35.74 -12.61
C ASP B 175 21.06 -34.92 -11.78
N GLN B 176 20.57 -33.79 -11.28
CA GLN B 176 21.38 -32.93 -10.41
C GLN B 176 21.89 -33.71 -9.23
N ARG B 177 20.98 -34.40 -8.55
CA ARG B 177 21.37 -35.18 -7.37
C ARG B 177 22.40 -36.27 -7.69
N LEU B 178 22.28 -36.92 -8.85
CA LEU B 178 23.23 -37.97 -9.19
C LEU B 178 24.61 -37.36 -9.43
N ALA B 179 24.64 -36.15 -9.98
CA ALA B 179 25.91 -35.43 -10.17
C ALA B 179 26.53 -35.08 -8.81
N LEU B 180 25.69 -34.65 -7.88
CA LEU B 180 26.11 -34.38 -6.50
C LEU B 180 26.74 -35.61 -5.84
N GLN B 181 26.14 -36.78 -6.09
CA GLN B 181 26.67 -38.03 -5.56
C GLN B 181 28.02 -38.31 -6.19
N TRP B 182 28.12 -37.99 -7.47
CA TRP B 182 29.33 -38.24 -8.24
C TRP B 182 30.49 -37.41 -7.65
N VAL B 183 30.19 -36.14 -7.36
CA VAL B 183 31.12 -35.30 -6.62
C VAL B 183 31.56 -35.95 -5.30
N GLN B 184 30.61 -36.43 -4.49
CA GLN B 184 30.96 -37.09 -3.23
C GLN B 184 31.95 -38.22 -3.44
N GLU B 185 31.68 -39.05 -4.45
CA GLU B 185 32.46 -40.26 -4.70
C GLU B 185 33.78 -40.01 -5.41
N ASN B 186 33.88 -38.92 -6.16
CA ASN B 186 35.01 -38.76 -7.08
C ASN B 186 35.87 -37.50 -6.89
N ILE B 187 35.29 -36.44 -6.32
CA ILE B 187 35.94 -35.12 -6.33
C ILE B 187 37.32 -35.09 -5.66
N ALA B 188 37.54 -35.97 -4.68
CA ALA B 188 38.82 -36.02 -3.98
C ALA B 188 39.98 -36.38 -4.91
N ALA B 189 39.68 -37.01 -6.04
CA ALA B 189 40.71 -37.37 -7.01
C ALA B 189 41.21 -36.15 -7.78
N PHE B 190 40.42 -35.08 -7.72
CA PHE B 190 40.74 -33.82 -8.40
C PHE B 190 41.31 -32.83 -7.41
N GLY B 191 41.46 -33.26 -6.16
CA GLY B 191 41.92 -32.37 -5.10
C GLY B 191 40.79 -31.65 -4.38
N GLY B 192 39.56 -32.09 -4.62
CA GLY B 192 38.40 -31.48 -3.98
C GLY B 192 38.10 -32.07 -2.60
N ASP B 193 37.43 -31.28 -1.77
CA ASP B 193 37.02 -31.72 -0.44
C ASP B 193 35.53 -32.05 -0.44
N PRO B 194 35.19 -33.35 -0.43
CA PRO B 194 33.77 -33.76 -0.42
C PRO B 194 33.07 -33.31 0.86
N MET B 195 33.83 -32.94 1.88
CA MET B 195 33.23 -32.47 3.13
C MET B 195 33.01 -30.95 3.18
N SER B 196 33.33 -30.27 2.07
CA SER B 196 32.99 -28.84 1.92
C SER B 196 32.45 -28.58 0.51
N VAL B 197 31.15 -28.77 0.37
CA VAL B 197 30.51 -28.61 -0.93
C VAL B 197 29.43 -27.55 -0.87
N THR B 198 29.57 -26.52 -1.69
CA THR B 198 28.60 -25.46 -1.72
C THR B 198 27.88 -25.45 -3.07
N LEU B 199 26.56 -25.50 -3.03
CA LEU B 199 25.77 -25.36 -4.24
C LEU B 199 25.53 -23.88 -4.53
N PHE B 200 25.64 -23.48 -5.79
CA PHE B 200 25.12 -22.19 -6.19
C PHE B 200 24.44 -22.27 -7.55
N GLY B 201 23.43 -21.44 -7.75
CA GLY B 201 22.62 -21.50 -8.95
C GLY B 201 21.78 -20.24 -9.08
N GLU B 202 21.40 -19.92 -10.31
CA GLU B 202 20.62 -18.71 -10.57
C GLU B 202 19.27 -19.07 -11.22
N SER B 203 18.22 -18.30 -10.93
CA SER B 203 16.90 -18.53 -11.54
C SER B 203 16.37 -19.94 -11.22
N ALA B 204 16.11 -20.75 -12.24
CA ALA B 204 15.72 -22.15 -11.99
C ALA B 204 16.82 -22.92 -11.25
N GLY B 205 18.08 -22.53 -11.47
CA GLY B 205 19.17 -23.15 -10.73
C GLY B 205 19.09 -22.84 -9.23
N ALA B 206 18.78 -21.59 -8.91
CA ALA B 206 18.59 -21.21 -7.51
C ALA B 206 17.42 -22.01 -6.92
N ALA B 207 16.33 -22.09 -7.67
CA ALA B 207 15.18 -22.88 -7.22
C ALA B 207 15.58 -24.35 -7.01
N SER B 208 16.40 -24.89 -7.90
CA SER B 208 16.89 -26.27 -7.73
C SER B 208 17.67 -26.42 -6.43
N VAL B 209 18.63 -25.52 -6.22
CA VAL B 209 19.37 -25.49 -4.96
C VAL B 209 18.39 -25.53 -3.77
N GLY B 210 17.34 -24.73 -3.83
CA GLY B 210 16.36 -24.69 -2.76
C GLY B 210 15.66 -26.02 -2.58
N MET B 211 15.41 -26.70 -3.69
CA MET B 211 14.74 -27.99 -3.62
C MET B 211 15.66 -29.07 -3.05
N HIS B 212 16.95 -28.98 -3.34
CA HIS B 212 17.89 -29.90 -2.69
C HIS B 212 17.94 -29.64 -1.18
N ILE B 213 17.83 -28.39 -0.77
CA ILE B 213 17.72 -28.06 0.65
C ILE B 213 16.47 -28.71 1.27
N LEU B 214 15.37 -28.71 0.52
CA LEU B 214 14.10 -29.19 1.05
C LEU B 214 13.89 -30.71 0.83
N SER B 215 14.86 -31.37 0.20
CA SER B 215 14.74 -32.82 -0.04
C SER B 215 15.78 -33.64 0.72
N LEU B 216 15.31 -34.57 1.54
CA LEU B 216 16.19 -35.26 2.50
C LEU B 216 17.40 -35.98 1.88
N PRO B 217 17.19 -36.83 0.85
CA PRO B 217 18.37 -37.51 0.27
C PRO B 217 19.45 -36.57 -0.27
N SER B 218 19.11 -35.35 -0.65
CA SER B 218 20.09 -34.38 -1.11
C SER B 218 20.92 -33.79 0.02
N ARG B 219 20.37 -33.79 1.24
CA ARG B 219 20.96 -33.05 2.35
C ARG B 219 22.31 -33.60 2.79
N SER B 220 22.58 -34.85 2.45
CA SER B 220 23.86 -35.45 2.78
C SER B 220 24.92 -35.17 1.71
N LEU B 221 24.56 -34.45 0.66
CA LEU B 221 25.48 -34.26 -0.48
C LEU B 221 26.09 -32.84 -0.59
N PHE B 222 25.78 -31.97 0.35
CA PHE B 222 26.31 -30.60 0.34
C PHE B 222 26.16 -29.95 1.70
N HIS B 223 26.78 -28.79 1.90
CA HIS B 223 26.88 -28.21 3.25
C HIS B 223 26.39 -26.78 3.33
N ARG B 224 26.38 -26.10 2.18
CA ARG B 224 25.98 -24.70 2.09
C ARG B 224 25.35 -24.43 0.72
N ALA B 225 24.60 -23.33 0.62
CA ALA B 225 23.81 -23.06 -0.58
C ALA B 225 23.79 -21.57 -0.89
N VAL B 226 23.83 -21.24 -2.18
CA VAL B 226 23.64 -19.87 -2.65
C VAL B 226 22.49 -19.83 -3.64
N LEU B 227 21.49 -18.99 -3.40
CA LEU B 227 20.34 -18.91 -4.31
C LEU B 227 20.29 -17.52 -4.92
N GLN B 228 20.67 -17.43 -6.20
CA GLN B 228 20.68 -16.15 -6.92
C GLN B 228 19.38 -15.98 -7.71
N SER B 229 18.56 -15.00 -7.34
CA SER B 229 17.37 -14.65 -8.13
C SER B 229 16.46 -15.84 -8.42
N GLY B 230 16.19 -16.67 -7.40
CA GLY B 230 15.31 -17.81 -7.59
C GLY B 230 15.08 -18.56 -6.29
N THR B 231 13.93 -19.22 -6.18
CA THR B 231 13.54 -19.91 -4.94
C THR B 231 12.66 -21.13 -5.25
N PRO B 232 12.67 -22.13 -4.35
CA PRO B 232 11.78 -23.27 -4.59
C PRO B 232 10.33 -22.86 -4.37
N ASN B 233 10.09 -22.01 -3.36
CA ASN B 233 8.76 -21.48 -3.11
C ASN B 233 8.44 -20.43 -4.17
N GLY B 234 7.20 -19.96 -4.21
CA GLY B 234 6.81 -18.98 -5.21
C GLY B 234 6.02 -19.56 -6.38
N PRO B 235 5.60 -18.68 -7.31
CA PRO B 235 4.53 -18.97 -8.26
C PRO B 235 4.91 -19.79 -9.50
N TRP B 236 6.20 -19.93 -9.79
CA TRP B 236 6.63 -20.54 -11.06
C TRP B 236 7.46 -21.83 -10.93
N ALA B 237 8.06 -22.03 -9.76
CA ALA B 237 9.08 -23.08 -9.62
C ALA B 237 8.53 -24.51 -9.51
N THR B 238 7.28 -24.66 -9.13
CA THR B 238 6.67 -25.98 -8.98
C THR B 238 5.24 -26.00 -9.49
N VAL B 239 4.71 -27.20 -9.73
CA VAL B 239 3.29 -27.40 -9.98
C VAL B 239 2.74 -28.54 -9.11
N SER B 240 1.43 -28.56 -8.94
CA SER B 240 0.78 -29.64 -8.21
C SER B 240 0.78 -30.90 -9.07
N ALA B 241 0.51 -32.04 -8.46
CA ALA B 241 0.45 -33.29 -9.23
C ALA B 241 -0.66 -33.23 -10.29
N GLY B 242 -1.82 -32.72 -9.89
CA GLY B 242 -2.93 -32.54 -10.80
C GLY B 242 -2.58 -31.73 -12.04
N GLU B 243 -1.77 -30.69 -11.86
CA GLU B 243 -1.49 -29.76 -12.96
C GLU B 243 -0.37 -30.26 -13.88
N ALA B 244 0.60 -30.97 -13.31
CA ALA B 244 1.60 -31.69 -14.11
C ALA B 244 0.90 -32.77 -14.94
N ARG B 245 -0.02 -33.50 -14.33
CA ARG B 245 -0.73 -34.55 -15.05
C ARG B 245 -1.50 -33.92 -16.20
N ARG B 246 -2.22 -32.86 -15.91
CA ARG B 246 -2.99 -32.12 -16.91
C ARG B 246 -2.10 -31.70 -18.10
N ARG B 247 -0.94 -31.12 -17.81
CA ARG B 247 -0.04 -30.65 -18.87
C ARG B 247 0.55 -31.78 -19.69
N ALA B 248 1.01 -32.81 -19.01
CA ALA B 248 1.57 -33.98 -19.69
C ALA B 248 0.55 -34.61 -20.63
N THR B 249 -0.70 -34.71 -20.18
CA THR B 249 -1.71 -35.38 -21.03
C THR B 249 -2.12 -34.49 -22.21
N LEU B 250 -2.13 -33.18 -21.98
CA LEU B 250 -2.46 -32.24 -23.07
C LEU B 250 -1.36 -32.28 -24.14
N LEU B 251 -0.11 -32.23 -23.70
CA LEU B 251 1.01 -32.31 -24.64
C LEU B 251 0.95 -33.61 -25.46
N ALA B 252 0.71 -34.72 -24.76
CA ALA B 252 0.56 -36.00 -25.42
C ALA B 252 -0.52 -35.91 -26.51
N ARG B 253 -1.66 -35.37 -26.12
CA ARG B 253 -2.77 -35.17 -27.05
C ARG B 253 -2.32 -34.33 -28.26
N LEU B 254 -1.57 -33.27 -28.00
CA LEU B 254 -1.10 -32.38 -29.07
C LEU B 254 -0.18 -33.08 -30.09
N VAL B 255 0.48 -34.14 -29.67
CA VAL B 255 1.38 -34.85 -30.58
C VAL B 255 0.83 -36.21 -30.98
N GLY B 256 -0.48 -36.39 -30.82
CA GLY B 256 -1.16 -37.60 -31.26
C GLY B 256 -1.07 -38.79 -30.32
N CYS B 257 -0.75 -38.53 -29.06
CA CYS B 257 -0.69 -39.56 -28.03
C CYS B 257 -1.81 -39.36 -27.03
N ASN B 265 -4.57 -44.32 -20.03
CA ASN B 265 -3.63 -45.22 -19.35
C ASN B 265 -2.17 -44.73 -19.46
N ASP B 266 -1.51 -44.56 -18.32
CA ASP B 266 -0.17 -43.93 -18.29
C ASP B 266 0.87 -44.66 -19.13
N THR B 267 1.01 -45.96 -18.92
CA THR B 267 1.99 -46.76 -19.63
C THR B 267 1.90 -46.60 -21.15
N GLU B 268 0.68 -46.73 -21.68
CA GLU B 268 0.47 -46.57 -23.12
C GLU B 268 0.80 -45.14 -23.58
N LEU B 269 0.38 -44.15 -22.80
CA LEU B 269 0.57 -42.74 -23.16
C LEU B 269 2.06 -42.40 -23.23
N ILE B 270 2.80 -42.86 -22.23
CA ILE B 270 4.22 -42.59 -22.17
C ILE B 270 4.97 -43.40 -23.23
N ALA B 271 4.48 -44.59 -23.55
CA ALA B 271 5.12 -45.37 -24.60
C ALA B 271 5.06 -44.60 -25.92
N CYS B 272 3.88 -44.06 -26.24
CA CYS B 272 3.71 -43.29 -27.48
C CYS B 272 4.58 -42.02 -27.51
N LEU B 273 4.65 -41.32 -26.38
CA LEU B 273 5.50 -40.14 -26.25
C LEU B 273 6.98 -40.48 -26.48
N ARG B 274 7.38 -41.70 -26.13
CA ARG B 274 8.76 -42.12 -26.28
C ARG B 274 9.13 -42.41 -27.73
N THR B 275 8.12 -42.57 -28.57
CA THR B 275 8.34 -42.77 -30.02
C THR B 275 8.50 -41.44 -30.74
N ARG B 276 8.15 -40.34 -30.08
CA ARG B 276 8.17 -39.03 -30.73
C ARG B 276 9.57 -38.41 -30.76
N PRO B 277 9.98 -37.89 -31.93
CA PRO B 277 11.24 -37.14 -32.04
C PRO B 277 11.25 -35.96 -31.08
N ALA B 278 12.42 -35.66 -30.51
CA ALA B 278 12.55 -34.63 -29.49
C ALA B 278 11.94 -33.28 -29.88
N GLN B 279 12.20 -32.83 -31.10
CA GLN B 279 11.74 -31.52 -31.53
C GLN B 279 10.21 -31.42 -31.56
N ASP B 280 9.53 -32.54 -31.85
CA ASP B 280 8.06 -32.58 -31.81
C ASP B 280 7.52 -32.21 -30.43
N LEU B 281 8.19 -32.68 -29.39
CA LEU B 281 7.81 -32.36 -28.01
C LEU B 281 8.06 -30.89 -27.71
N VAL B 282 9.24 -30.41 -28.08
CA VAL B 282 9.60 -29.01 -27.90
C VAL B 282 8.63 -28.07 -28.62
N ASP B 283 8.20 -28.45 -29.83
CA ASP B 283 7.28 -27.65 -30.64
C ASP B 283 5.95 -27.31 -29.95
N HIS B 284 5.57 -28.09 -28.95
CA HIS B 284 4.25 -27.94 -28.34
C HIS B 284 4.37 -27.69 -26.85
N GLU B 285 5.62 -27.61 -26.40
CA GLU B 285 5.94 -27.39 -24.99
C GLU B 285 5.17 -26.21 -24.38
N TRP B 286 5.15 -25.07 -25.06
CA TRP B 286 4.58 -23.84 -24.53
C TRP B 286 3.05 -23.79 -24.57
N HIS B 287 2.45 -24.70 -25.33
CA HIS B 287 1.01 -24.67 -25.59
C HIS B 287 0.18 -25.25 -24.47
N VAL B 288 0.85 -25.77 -23.45
CA VAL B 288 0.15 -26.41 -22.35
C VAL B 288 -0.08 -25.49 -21.14
N LEU B 289 0.56 -24.31 -21.15
CA LEU B 289 0.32 -23.32 -20.09
C LEU B 289 -1.16 -22.95 -20.09
N PRO B 290 -1.76 -22.90 -18.91
CA PRO B 290 -3.20 -22.65 -18.75
C PRO B 290 -3.60 -21.21 -19.11
N GLN B 291 -2.69 -20.25 -18.93
CA GLN B 291 -2.96 -18.86 -19.32
C GLN B 291 -1.83 -18.28 -20.14
N GLU B 292 -2.18 -17.33 -20.99
CA GLU B 292 -1.20 -16.42 -21.58
C GLU B 292 -0.46 -15.78 -20.40
N SER B 293 0.85 -15.93 -20.36
CA SER B 293 1.60 -15.53 -19.18
C SER B 293 3.09 -15.35 -19.49
N ILE B 294 3.80 -14.62 -18.63
CA ILE B 294 5.25 -14.58 -18.66
C ILE B 294 5.77 -15.05 -17.31
N PHE B 295 7.06 -15.38 -17.25
CA PHE B 295 7.66 -15.96 -16.05
C PHE B 295 6.87 -17.21 -15.61
N ARG B 296 6.41 -17.96 -16.58
CA ARG B 296 5.73 -19.21 -16.31
C ARG B 296 6.21 -20.26 -17.31
N PHE B 297 6.51 -21.46 -16.80
CA PHE B 297 7.11 -22.51 -17.61
C PHE B 297 6.32 -23.81 -17.49
N SER B 298 6.23 -24.54 -18.60
CA SER B 298 5.33 -25.68 -18.72
C SER B 298 5.71 -26.89 -17.87
N PHE B 299 6.97 -27.27 -17.95
CA PHE B 299 7.45 -28.47 -17.28
C PHE B 299 8.53 -28.15 -16.26
N VAL B 300 8.11 -28.16 -15.01
CA VAL B 300 8.91 -27.73 -13.87
C VAL B 300 8.75 -28.78 -12.78
N PRO B 301 9.56 -28.71 -11.71
CA PRO B 301 9.39 -29.67 -10.61
C PRO B 301 7.93 -29.83 -10.14
N VAL B 302 7.56 -31.05 -9.76
CA VAL B 302 6.20 -31.33 -9.31
C VAL B 302 6.18 -31.74 -7.85
N VAL B 303 5.21 -31.24 -7.11
CA VAL B 303 5.02 -31.67 -5.73
C VAL B 303 4.47 -33.11 -5.75
N ASP B 304 5.39 -34.07 -5.65
CA ASP B 304 5.10 -35.48 -5.90
C ASP B 304 4.89 -36.30 -4.63
N GLY B 305 5.21 -35.74 -3.48
CA GLY B 305 5.14 -36.49 -2.23
C GLY B 305 6.33 -37.41 -2.09
N ASP B 306 7.32 -37.23 -2.97
CA ASP B 306 8.54 -38.04 -2.95
C ASP B 306 9.78 -37.15 -2.87
N PHE B 307 10.29 -36.67 -4.01
CA PHE B 307 11.39 -35.71 -3.97
C PHE B 307 10.97 -34.52 -3.11
N LEU B 308 9.77 -34.02 -3.36
CA LEU B 308 9.15 -32.98 -2.54
C LEU B 308 8.01 -33.58 -1.77
N SER B 309 8.17 -33.71 -0.45
CA SER B 309 7.17 -34.37 0.38
C SER B 309 5.93 -33.50 0.64
N ASP B 310 6.03 -32.21 0.32
CA ASP B 310 4.90 -31.28 0.43
C ASP B 310 5.29 -30.06 -0.40
N THR B 311 4.42 -29.05 -0.47
CA THR B 311 4.77 -27.82 -1.19
C THR B 311 5.97 -27.18 -0.52
N PRO B 312 6.81 -26.51 -1.30
CA PRO B 312 7.98 -25.84 -0.72
C PRO B 312 7.60 -24.87 0.37
N GLU B 313 6.52 -24.12 0.18
CA GLU B 313 6.06 -23.19 1.22
C GLU B 313 5.76 -23.94 2.51
N ALA B 314 5.08 -25.08 2.43
CA ALA B 314 4.83 -25.86 3.63
C ALA B 314 6.12 -26.39 4.26
N LEU B 315 7.11 -26.71 3.42
CA LEU B 315 8.36 -27.28 3.92
C LEU B 315 9.28 -26.25 4.58
N ILE B 316 9.32 -25.04 4.03
CA ILE B 316 10.14 -23.99 4.63
C ILE B 316 9.51 -23.51 5.95
N ASN B 317 8.19 -23.61 6.06
CA ASN B 317 7.49 -23.12 7.26
C ASN B 317 7.75 -24.01 8.47
N THR B 318 7.86 -25.31 8.22
CA THR B 318 8.01 -26.31 9.28
C THR B 318 9.45 -26.81 9.42
N GLY B 319 10.29 -26.49 8.45
CA GLY B 319 11.67 -26.99 8.46
C GLY B 319 12.51 -26.58 9.66
N ASP B 320 13.41 -27.47 10.05
CA ASP B 320 14.47 -27.10 10.99
C ASP B 320 15.78 -26.85 10.24
N PHE B 321 16.21 -25.60 10.16
CA PHE B 321 17.38 -25.28 9.36
C PHE B 321 18.61 -24.83 10.17
N GLN B 322 18.76 -25.40 11.38
CA GLN B 322 19.84 -25.04 12.30
C GLN B 322 21.25 -24.98 11.68
N ASP B 323 21.67 -26.05 11.02
CA ASP B 323 23.08 -26.11 10.59
C ASP B 323 23.31 -25.70 9.13
N LEU B 324 22.40 -24.90 8.59
CA LEU B 324 22.47 -24.43 7.22
C LEU B 324 22.99 -22.99 7.11
N GLN B 325 23.89 -22.75 6.17
CA GLN B 325 24.31 -21.39 5.81
C GLN B 325 23.89 -21.11 4.38
N VAL B 326 23.26 -19.96 4.18
CA VAL B 326 22.66 -19.65 2.89
C VAL B 326 22.91 -18.21 2.50
N LEU B 327 23.27 -18.00 1.23
CA LEU B 327 23.44 -16.66 0.68
C LEU B 327 22.35 -16.51 -0.38
N VAL B 328 21.57 -15.44 -0.31
CA VAL B 328 20.49 -15.24 -1.28
C VAL B 328 20.44 -13.80 -1.68
N GLY B 329 19.98 -13.54 -2.90
CA GLY B 329 19.86 -12.16 -3.33
C GLY B 329 19.15 -12.04 -4.66
N VAL B 330 19.02 -10.81 -5.11
CA VAL B 330 18.27 -10.49 -6.31
C VAL B 330 19.03 -9.39 -7.07
N VAL B 331 18.74 -9.25 -8.37
CA VAL B 331 19.25 -8.11 -9.12
C VAL B 331 18.24 -6.96 -9.04
N LYS B 332 18.69 -5.76 -9.38
CA LYS B 332 17.87 -4.57 -9.23
C LYS B 332 16.59 -4.58 -10.11
N ASP B 333 16.63 -5.19 -11.28
CA ASP B 333 15.47 -5.19 -12.18
C ASP B 333 15.09 -6.58 -12.67
N GLU B 334 14.63 -7.40 -11.74
CA GLU B 334 14.33 -8.80 -12.01
C GLU B 334 13.33 -9.00 -13.14
N GLY B 335 12.36 -8.09 -13.25
CA GLY B 335 11.24 -8.33 -14.13
C GLY B 335 11.39 -7.90 -15.58
N SER B 336 12.32 -6.99 -15.84
CA SER B 336 12.40 -6.32 -17.14
C SER B 336 12.61 -7.27 -18.34
N TYR B 337 13.45 -8.29 -18.15
CA TYR B 337 13.77 -9.24 -19.22
C TYR B 337 12.50 -9.92 -19.77
N PHE B 338 11.55 -10.18 -18.88
CA PHE B 338 10.37 -10.99 -19.24
C PHE B 338 9.32 -10.22 -20.03
N LEU B 339 9.25 -8.92 -19.80
CA LEU B 339 8.25 -8.05 -20.46
C LEU B 339 8.27 -8.12 -21.98
N VAL B 340 9.45 -8.24 -22.58
CA VAL B 340 9.52 -8.25 -24.03
C VAL B 340 9.14 -9.58 -24.65
N TYR B 341 8.81 -10.56 -23.82
CA TYR B 341 8.44 -11.90 -24.31
C TYR B 341 6.94 -12.17 -24.27
N GLY B 342 6.12 -11.12 -24.26
CA GLY B 342 4.69 -11.32 -24.23
C GLY B 342 3.82 -10.12 -23.90
N VAL B 343 4.37 -9.17 -23.14
CA VAL B 343 3.60 -8.00 -22.75
C VAL B 343 3.59 -6.90 -23.82
N PRO B 344 2.40 -6.59 -24.37
CA PRO B 344 2.24 -5.59 -25.43
C PRO B 344 2.73 -4.20 -24.99
N GLY B 345 3.48 -3.54 -25.86
CA GLY B 345 4.03 -2.23 -25.57
C GLY B 345 5.51 -2.28 -25.24
N PHE B 346 6.03 -3.48 -25.03
CA PHE B 346 7.41 -3.64 -24.59
C PHE B 346 8.32 -4.19 -25.68
N SER B 347 9.54 -3.66 -25.74
CA SER B 347 10.50 -4.00 -26.79
C SER B 347 11.87 -3.50 -26.37
N LYS B 348 12.92 -4.24 -26.73
CA LYS B 348 14.28 -3.82 -26.40
C LYS B 348 14.72 -2.66 -27.30
N ASP B 349 14.01 -2.49 -28.41
CA ASP B 349 14.42 -1.54 -29.44
C ASP B 349 13.77 -0.15 -29.32
N ASN B 350 13.00 0.06 -28.25
CA ASN B 350 12.55 1.41 -27.89
C ASN B 350 12.40 1.57 -26.37
N GLU B 351 11.97 2.75 -25.91
CA GLU B 351 11.92 3.04 -24.49
C GLU B 351 10.75 2.40 -23.76
N SER B 352 9.85 1.78 -24.53
CA SER B 352 8.76 1.00 -23.98
C SER B 352 7.86 1.79 -23.03
N LEU B 353 7.53 3.02 -23.42
CA LEU B 353 6.61 3.84 -22.65
C LEU B 353 5.20 3.32 -22.91
N ILE B 354 4.48 3.01 -21.83
CA ILE B 354 3.19 2.36 -21.99
C ILE B 354 2.01 3.16 -21.44
N SER B 355 0.81 2.86 -21.94
CA SER B 355 -0.40 3.49 -21.47
C SER B 355 -0.90 2.79 -20.24
N ARG B 356 -1.88 3.41 -19.58
CA ARG B 356 -2.49 2.82 -18.39
C ARG B 356 -3.19 1.50 -18.72
N ALA B 357 -3.92 1.46 -19.83
CA ALA B 357 -4.61 0.24 -20.28
C ALA B 357 -3.63 -0.90 -20.54
N GLN B 358 -2.49 -0.58 -21.15
CA GLN B 358 -1.42 -1.55 -21.34
C GLN B 358 -0.87 -2.09 -20.02
N PHE B 359 -0.88 -1.25 -18.98
CA PHE B 359 -0.41 -1.67 -17.67
C PHE B 359 -1.37 -2.70 -17.05
N LEU B 360 -2.67 -2.42 -17.09
CA LEU B 360 -3.69 -3.37 -16.62
C LEU B 360 -3.61 -4.69 -17.41
N ALA B 361 -3.51 -4.59 -18.73
CA ALA B 361 -3.39 -5.79 -19.57
C ALA B 361 -2.13 -6.57 -19.23
N GLY B 362 -1.04 -5.84 -18.99
CA GLY B 362 0.22 -6.48 -18.66
C GLY B 362 0.14 -7.17 -17.31
N VAL B 363 -0.62 -6.58 -16.37
CA VAL B 363 -0.76 -7.16 -15.04
C VAL B 363 -1.44 -8.54 -15.12
N ARG B 364 -2.42 -8.68 -16.02
CA ARG B 364 -3.13 -9.96 -16.17
C ARG B 364 -2.21 -11.05 -16.71
N ILE B 365 -1.17 -10.65 -17.44
CA ILE B 365 -0.25 -11.58 -18.08
C ILE B 365 0.87 -11.95 -17.12
N GLY B 366 1.32 -10.96 -16.34
CA GLY B 366 2.36 -11.17 -15.37
C GLY B 366 1.88 -11.81 -14.09
N VAL B 367 0.58 -11.70 -13.80
CA VAL B 367 0.00 -12.35 -12.63
C VAL B 367 -1.19 -13.19 -13.09
N PRO B 368 -0.92 -14.22 -13.91
CA PRO B 368 -2.00 -14.91 -14.67
C PRO B 368 -3.02 -15.63 -13.79
N GLN B 369 -2.64 -15.91 -12.54
CA GLN B 369 -3.54 -16.61 -11.63
C GLN B 369 -4.47 -15.65 -10.89
N ALA B 370 -4.24 -14.35 -11.08
CA ALA B 370 -5.02 -13.33 -10.38
C ALA B 370 -6.46 -13.22 -10.88
N SER B 371 -7.39 -13.15 -9.93
CA SER B 371 -8.77 -12.77 -10.23
C SER B 371 -8.81 -11.29 -10.59
N ASP B 372 -9.98 -10.81 -11.00
CA ASP B 372 -10.15 -9.40 -11.34
C ASP B 372 -9.77 -8.51 -10.16
N LEU B 373 -10.31 -8.85 -8.99
CA LEU B 373 -10.07 -8.09 -7.77
C LEU B 373 -8.59 -8.10 -7.35
N ALA B 374 -7.96 -9.25 -7.48
CA ALA B 374 -6.55 -9.37 -7.14
C ALA B 374 -5.70 -8.55 -8.10
N ALA B 375 -6.05 -8.59 -9.38
CA ALA B 375 -5.36 -7.79 -10.38
C ALA B 375 -5.58 -6.30 -10.12
N GLU B 376 -6.79 -5.96 -9.69
CA GLU B 376 -7.10 -4.60 -9.33
C GLU B 376 -6.22 -4.15 -8.15
N ALA B 377 -6.07 -5.02 -7.15
CA ALA B 377 -5.23 -4.70 -5.99
C ALA B 377 -3.79 -4.42 -6.42
N VAL B 378 -3.30 -5.21 -7.36
CA VAL B 378 -1.93 -5.06 -7.85
C VAL B 378 -1.76 -3.71 -8.55
N VAL B 379 -2.74 -3.34 -9.37
CA VAL B 379 -2.71 -2.07 -10.10
C VAL B 379 -2.71 -0.85 -9.16
N LEU B 380 -3.58 -0.88 -8.16
CA LEU B 380 -3.71 0.25 -7.23
C LEU B 380 -2.46 0.38 -6.37
N HIS B 381 -1.88 -0.75 -5.98
CA HIS B 381 -0.68 -0.74 -5.16
C HIS B 381 0.51 -0.16 -5.91
N TYR B 382 0.62 -0.48 -7.20
CA TYR B 382 1.80 -0.10 -7.98
C TYR B 382 1.67 1.23 -8.70
N THR B 383 0.43 1.70 -8.87
CA THR B 383 0.18 2.99 -9.48
C THR B 383 0.76 4.10 -8.60
N ASP B 384 1.42 5.07 -9.23
CA ASP B 384 1.76 6.29 -8.54
C ASP B 384 0.58 7.26 -8.68
N TRP B 385 -0.15 7.46 -7.59
CA TRP B 385 -1.38 8.25 -7.63
C TRP B 385 -1.15 9.75 -7.78
N LEU B 386 0.12 10.16 -7.76
CA LEU B 386 0.48 11.53 -8.14
C LEU B 386 0.60 11.68 -9.65
N HIS B 387 1.02 10.59 -10.31
CA HIS B 387 1.18 10.57 -11.76
C HIS B 387 0.64 9.24 -12.31
N PRO B 388 -0.67 9.01 -12.19
CA PRO B 388 -1.25 7.70 -12.52
C PRO B 388 -1.11 7.29 -13.99
N GLU B 389 -0.73 8.23 -14.85
CA GLU B 389 -0.64 7.94 -16.28
C GLU B 389 0.74 8.22 -16.90
N ASP B 390 1.73 8.51 -16.05
CA ASP B 390 3.09 8.65 -16.51
C ASP B 390 3.59 7.31 -17.08
N PRO B 391 3.91 7.29 -18.38
CA PRO B 391 4.28 6.05 -19.08
C PRO B 391 5.62 5.50 -18.60
N THR B 392 6.53 6.36 -18.16
CA THR B 392 7.81 5.92 -17.63
C THR B 392 7.60 5.17 -16.32
N HIS B 393 6.76 5.72 -15.44
CA HIS B 393 6.46 5.04 -14.20
C HIS B 393 5.68 3.75 -14.44
N LEU B 394 4.72 3.80 -15.36
CA LEU B 394 3.90 2.62 -15.64
C LEU B 394 4.77 1.47 -16.16
N ARG B 395 5.69 1.81 -17.06
CA ARG B 395 6.67 0.84 -17.58
C ARG B 395 7.50 0.23 -16.45
N ASP B 396 8.06 1.08 -15.60
CA ASP B 396 8.89 0.63 -14.49
C ASP B 396 8.07 -0.12 -13.44
N ALA B 397 6.80 0.25 -13.30
CA ALA B 397 5.88 -0.46 -12.41
C ALA B 397 5.62 -1.87 -12.94
N MET B 398 5.39 -1.96 -14.25
CA MET B 398 5.18 -3.26 -14.88
C MET B 398 6.38 -4.19 -14.61
N SER B 399 7.59 -3.67 -14.78
CA SER B 399 8.78 -4.46 -14.48
C SER B 399 8.82 -4.89 -13.02
N ALA B 400 8.53 -3.95 -12.12
CA ALA B 400 8.52 -4.23 -10.68
C ALA B 400 7.49 -5.29 -10.28
N VAL B 401 6.29 -5.21 -10.85
CA VAL B 401 5.26 -6.22 -10.59
C VAL B 401 5.79 -7.62 -10.89
N VAL B 402 6.40 -7.78 -12.06
CA VAL B 402 6.91 -9.08 -12.46
C VAL B 402 8.10 -9.50 -11.59
N GLY B 403 9.02 -8.57 -11.36
CA GLY B 403 10.18 -8.88 -10.52
C GLY B 403 9.79 -9.20 -9.09
N ASP B 404 8.90 -8.40 -8.50
CA ASP B 404 8.48 -8.59 -7.12
C ASP B 404 7.72 -9.91 -6.95
N HIS B 405 6.77 -10.17 -7.84
CA HIS B 405 5.89 -11.34 -7.72
C HIS B 405 6.69 -12.64 -7.83
N ASN B 406 7.62 -12.67 -8.77
CA ASN B 406 8.29 -13.92 -9.14
C ASN B 406 9.61 -14.18 -8.42
N VAL B 407 10.30 -13.11 -8.04
CA VAL B 407 11.61 -13.27 -7.43
C VAL B 407 11.79 -12.58 -6.08
N VAL B 408 11.64 -11.26 -6.07
CA VAL B 408 11.99 -10.49 -4.88
C VAL B 408 11.21 -10.91 -3.65
N CYS B 409 9.89 -10.96 -3.73
CA CYS B 409 9.10 -11.34 -2.57
C CYS B 409 9.24 -12.81 -2.16
N PRO B 410 9.28 -13.74 -3.14
CA PRO B 410 9.63 -15.13 -2.77
C PRO B 410 10.99 -15.22 -2.06
N VAL B 411 12.00 -14.50 -2.55
CA VAL B 411 13.30 -14.49 -1.87
C VAL B 411 13.18 -13.98 -0.43
N ALA B 412 12.48 -12.86 -0.26
CA ALA B 412 12.35 -12.24 1.05
C ALA B 412 11.62 -13.20 1.98
N GLN B 413 10.63 -13.87 1.43
CA GLN B 413 9.90 -14.89 2.17
C GLN B 413 10.81 -16.05 2.60
N LEU B 414 11.57 -16.59 1.64
CA LEU B 414 12.51 -17.67 1.95
C LEU B 414 13.50 -17.24 3.04
N ALA B 415 14.14 -16.08 2.82
CA ALA B 415 15.14 -15.58 3.78
C ALA B 415 14.56 -15.46 5.19
N GLY B 416 13.35 -14.91 5.27
CA GLY B 416 12.72 -14.70 6.56
C GLY B 416 12.40 -16.00 7.26
N ARG B 417 11.91 -17.00 6.51
CA ARG B 417 11.55 -18.26 7.11
C ARG B 417 12.80 -19.03 7.55
N LEU B 418 13.84 -18.99 6.72
CA LEU B 418 15.09 -19.67 7.03
C LEU B 418 15.77 -19.10 8.29
N ALA B 419 15.86 -17.77 8.35
CA ALA B 419 16.44 -17.09 9.51
C ALA B 419 15.63 -17.40 10.77
N ALA B 420 14.31 -17.38 10.66
CA ALA B 420 13.45 -17.63 11.83
C ALA B 420 13.62 -19.05 12.32
N GLN B 421 13.98 -19.95 11.42
CA GLN B 421 14.07 -21.36 11.77
C GLN B 421 15.50 -21.89 11.91
N GLY B 422 16.41 -20.99 12.26
CA GLY B 422 17.74 -21.41 12.68
C GLY B 422 18.86 -21.26 11.67
N ALA B 423 18.54 -20.90 10.43
CA ALA B 423 19.57 -20.82 9.40
C ALA B 423 20.43 -19.56 9.52
N ARG B 424 21.66 -19.65 9.04
CA ARG B 424 22.54 -18.50 8.89
C ARG B 424 22.35 -17.96 7.49
N VAL B 425 21.80 -16.75 7.39
CA VAL B 425 21.40 -16.20 6.08
C VAL B 425 22.11 -14.89 5.77
N TYR B 426 22.62 -14.76 4.54
CA TYR B 426 23.15 -13.48 4.07
C TYR B 426 22.39 -13.07 2.81
N ALA B 427 22.05 -11.79 2.71
CA ALA B 427 21.25 -11.33 1.58
C ALA B 427 21.89 -10.14 0.90
N TYR B 428 21.62 -10.00 -0.40
CA TYR B 428 22.21 -8.91 -1.16
C TYR B 428 21.20 -8.40 -2.20
N ILE B 429 21.42 -7.18 -2.67
CA ILE B 429 20.81 -6.74 -3.92
C ILE B 429 21.96 -6.34 -4.86
N PHE B 430 21.92 -6.89 -6.07
CA PHE B 430 22.93 -6.60 -7.05
C PHE B 430 22.45 -5.46 -7.96
N GLU B 431 23.14 -4.32 -7.89
CA GLU B 431 22.68 -3.09 -8.54
C GLU B 431 23.63 -2.55 -9.60
N HIS B 432 24.65 -3.32 -9.99
CA HIS B 432 25.55 -2.79 -11.01
C HIS B 432 25.16 -3.21 -12.43
N ARG B 433 24.96 -2.24 -13.31
CA ARG B 433 24.71 -2.53 -14.73
C ARG B 433 26.02 -2.53 -15.51
N ALA B 434 26.41 -3.68 -16.05
CA ALA B 434 27.65 -3.80 -16.82
C ALA B 434 27.75 -2.78 -17.95
N SER B 435 28.95 -2.25 -18.16
CA SER B 435 29.20 -1.29 -19.22
C SER B 435 29.04 -1.96 -20.58
N THR B 436 29.12 -3.29 -20.58
CA THR B 436 29.06 -4.11 -21.79
C THR B 436 27.66 -4.62 -22.11
N LEU B 437 26.69 -4.28 -21.25
CA LEU B 437 25.30 -4.73 -21.43
C LEU B 437 24.70 -4.27 -22.76
N THR B 438 24.09 -5.21 -23.47
CA THR B 438 23.56 -4.95 -24.81
C THR B 438 22.05 -4.67 -24.82
N TRP B 439 21.38 -4.98 -23.72
CA TRP B 439 19.97 -4.59 -23.55
C TRP B 439 19.87 -3.07 -23.35
N PRO B 440 18.69 -2.47 -23.67
CA PRO B 440 18.59 -1.02 -23.53
C PRO B 440 18.56 -0.58 -22.06
N LEU B 441 18.67 0.73 -21.83
CA LEU B 441 18.83 1.28 -20.49
C LEU B 441 17.60 1.06 -19.61
N TRP B 442 16.42 1.11 -20.23
CA TRP B 442 15.19 1.02 -19.44
C TRP B 442 15.07 -0.31 -18.70
N MET B 443 15.75 -1.34 -19.20
CA MET B 443 15.69 -2.64 -18.53
C MET B 443 16.59 -2.72 -17.27
N GLY B 444 17.40 -1.70 -17.03
CA GLY B 444 18.19 -1.62 -15.82
C GLY B 444 19.22 -2.74 -15.66
N VAL B 445 19.20 -3.40 -14.49
CA VAL B 445 20.05 -4.56 -14.24
C VAL B 445 19.15 -5.79 -14.34
N PRO B 446 19.17 -6.47 -15.50
CA PRO B 446 18.15 -7.50 -15.70
C PRO B 446 18.52 -8.85 -15.07
N HIS B 447 17.50 -9.69 -14.95
CA HIS B 447 17.61 -11.07 -14.50
C HIS B 447 18.78 -11.76 -15.19
N GLY B 448 19.72 -12.30 -14.42
CA GLY B 448 20.82 -13.06 -14.99
C GLY B 448 22.12 -12.30 -15.18
N TYR B 449 22.11 -11.00 -14.92
CA TYR B 449 23.26 -10.20 -15.29
C TYR B 449 24.28 -9.90 -14.18
N GLU B 450 24.16 -10.62 -13.06
CA GLU B 450 25.20 -10.64 -12.04
C GLU B 450 26.19 -11.79 -12.28
N ILE B 451 25.73 -12.80 -13.03
CA ILE B 451 26.47 -14.05 -13.17
C ILE B 451 27.89 -13.86 -13.72
N GLU B 452 28.01 -13.09 -14.79
CA GLU B 452 29.30 -12.80 -15.42
C GLU B 452 30.31 -12.16 -14.46
N PHE B 453 29.85 -11.51 -13.40
CA PHE B 453 30.76 -10.94 -12.40
C PHE B 453 31.22 -11.97 -11.37
N ILE B 454 30.26 -12.75 -10.88
CA ILE B 454 30.51 -13.85 -9.94
C ILE B 454 31.51 -14.84 -10.53
N PHE B 455 31.42 -15.09 -11.83
CA PHE B 455 32.33 -16.04 -12.48
C PHE B 455 33.65 -15.40 -12.92
N GLY B 456 33.75 -14.08 -12.79
CA GLY B 456 35.01 -13.39 -13.07
C GLY B 456 35.30 -13.07 -14.51
N LEU B 457 34.26 -13.03 -15.36
CA LEU B 457 34.45 -12.73 -16.79
C LEU B 457 35.16 -11.39 -17.10
N PRO B 458 34.94 -10.35 -16.26
CA PRO B 458 35.68 -9.10 -16.50
C PRO B 458 37.20 -9.25 -16.44
N LEU B 459 37.68 -10.40 -15.97
CA LEU B 459 39.12 -10.67 -15.98
C LEU B 459 39.66 -10.99 -17.38
N ASP B 460 38.75 -11.28 -18.31
CA ASP B 460 39.11 -11.50 -19.71
C ASP B 460 39.31 -10.16 -20.40
N PRO B 461 40.56 -9.85 -20.75
CA PRO B 461 40.92 -8.55 -21.32
C PRO B 461 40.14 -8.25 -22.61
N SER B 462 39.83 -9.29 -23.38
CA SER B 462 39.14 -9.14 -24.65
C SER B 462 37.66 -8.79 -24.53
N LEU B 463 37.13 -8.78 -23.31
CA LEU B 463 35.71 -8.48 -23.10
C LEU B 463 35.43 -6.99 -22.86
N ASN B 464 36.50 -6.21 -22.67
CA ASN B 464 36.39 -4.76 -22.56
C ASN B 464 35.60 -4.20 -21.37
N TYR B 465 35.58 -4.91 -20.24
CA TYR B 465 35.01 -4.33 -19.03
C TYR B 465 35.93 -3.20 -18.55
N THR B 466 35.41 -2.28 -17.76
CA THR B 466 36.23 -1.22 -17.18
C THR B 466 37.07 -1.83 -16.06
N THR B 467 38.16 -1.14 -15.73
CA THR B 467 39.01 -1.56 -14.62
C THR B 467 38.23 -1.61 -13.30
N GLU B 468 37.35 -0.64 -13.07
CA GLU B 468 36.48 -0.67 -11.89
C GLU B 468 35.66 -1.96 -11.85
N GLU B 469 35.19 -2.41 -13.00
CA GLU B 469 34.35 -3.61 -13.07
C GLU B 469 35.19 -4.86 -12.81
N ARG B 470 36.45 -4.81 -13.23
CA ARG B 470 37.39 -5.90 -13.00
C ARG B 470 37.64 -6.07 -11.50
N ILE B 471 37.82 -4.94 -10.81
CA ILE B 471 38.01 -4.93 -9.37
C ILE B 471 36.73 -5.39 -8.64
N PHE B 472 35.58 -4.94 -9.12
CA PHE B 472 34.29 -5.36 -8.60
C PHE B 472 34.10 -6.88 -8.74
N ALA B 473 34.43 -7.42 -9.91
CA ALA B 473 34.30 -8.86 -10.13
C ALA B 473 35.13 -9.66 -9.12
N GLN B 474 36.35 -9.20 -8.87
CA GLN B 474 37.22 -9.91 -7.94
C GLN B 474 36.62 -9.89 -6.55
N ARG B 475 35.97 -8.77 -6.22
CA ARG B 475 35.32 -8.61 -4.91
C ARG B 475 34.23 -9.65 -4.72
N LEU B 476 33.40 -9.85 -5.75
CA LEU B 476 32.30 -10.80 -5.68
C LEU B 476 32.79 -12.25 -5.66
N MET B 477 33.90 -12.50 -6.36
CA MET B 477 34.49 -13.83 -6.35
C MET B 477 34.98 -14.17 -4.95
N LYS B 478 35.52 -13.17 -4.26
CA LYS B 478 35.94 -13.29 -2.86
C LYS B 478 34.75 -13.60 -1.93
N TYR B 479 33.68 -12.82 -2.04
CA TYR B 479 32.46 -13.03 -1.23
C TYR B 479 31.97 -14.46 -1.41
N TRP B 480 31.74 -14.86 -2.65
CA TRP B 480 31.22 -16.19 -2.96
C TRP B 480 32.13 -17.33 -2.45
N THR B 481 33.43 -17.26 -2.74
CA THR B 481 34.36 -18.31 -2.33
C THR B 481 34.63 -18.31 -0.82
N ASN B 482 34.64 -17.12 -0.20
CA ASN B 482 34.71 -17.06 1.26
C ASN B 482 33.47 -17.69 1.90
N PHE B 483 32.31 -17.44 1.30
CA PHE B 483 31.10 -18.10 1.78
C PHE B 483 31.26 -19.61 1.65
N ALA B 484 31.74 -20.07 0.49
CA ALA B 484 31.92 -21.50 0.25
C ALA B 484 32.86 -22.11 1.28
N ARG B 485 33.94 -21.38 1.57
CA ARG B 485 34.97 -21.85 2.49
C ARG B 485 34.50 -21.88 3.96
N THR B 486 33.65 -20.94 4.35
CA THR B 486 33.42 -20.68 5.77
C THR B 486 31.95 -20.55 6.18
N GLY B 487 31.06 -20.39 5.21
CA GLY B 487 29.68 -20.07 5.55
C GLY B 487 29.47 -18.59 5.79
N ASP B 488 30.51 -17.79 5.57
CA ASP B 488 30.49 -16.35 5.82
C ASP B 488 31.22 -15.63 4.69
N PRO B 489 30.52 -14.73 3.96
CA PRO B 489 31.14 -14.03 2.81
C PRO B 489 32.15 -12.93 3.18
N ASN B 490 32.22 -12.55 4.45
CA ASN B 490 33.16 -11.52 4.90
C ASN B 490 34.61 -12.00 4.81
N ASP B 491 35.50 -11.12 4.35
CA ASP B 491 36.92 -11.43 4.22
C ASP B 491 37.65 -11.24 5.56
N PRO B 492 38.18 -12.34 6.12
CA PRO B 492 38.88 -12.36 7.42
C PRO B 492 40.13 -11.49 7.44
N ARG B 493 40.76 -11.33 6.28
CA ARG B 493 41.94 -10.49 6.15
C ARG B 493 41.53 -9.03 6.07
N ASP B 494 40.24 -8.78 5.93
CA ASP B 494 39.74 -7.42 5.92
C ASP B 494 38.97 -7.07 7.20
N SER B 495 39.53 -6.16 7.98
CA SER B 495 38.80 -5.46 9.03
C SER B 495 37.78 -4.54 8.36
N LYS B 496 37.03 -3.77 9.16
CA LYS B 496 35.88 -2.95 8.73
C LYS B 496 35.86 -2.51 7.25
N SER B 497 34.87 -3.01 6.52
CA SER B 497 34.75 -2.77 5.08
C SER B 497 33.50 -2.01 4.55
N PRO B 498 32.40 -1.92 5.32
CA PRO B 498 31.92 -2.54 6.57
C PRO B 498 31.61 -4.00 6.38
N GLN B 499 31.24 -4.68 7.47
CA GLN B 499 30.96 -6.10 7.39
C GLN B 499 29.56 -6.36 6.84
N TRP B 500 29.42 -7.48 6.15
CA TRP B 500 28.13 -7.94 5.65
C TRP B 500 27.44 -8.69 6.81
N PRO B 501 26.37 -8.11 7.39
CA PRO B 501 25.73 -8.77 8.52
C PRO B 501 24.74 -9.84 8.06
N PRO B 502 24.50 -10.85 8.91
CA PRO B 502 23.48 -11.87 8.59
C PRO B 502 22.10 -11.23 8.47
N TYR B 503 21.26 -11.76 7.57
CA TYR B 503 19.85 -11.37 7.51
C TYR B 503 19.12 -12.01 8.69
N THR B 504 18.29 -11.24 9.38
CA THR B 504 17.47 -11.74 10.47
C THR B 504 16.06 -11.20 10.33
N THR B 505 15.11 -11.84 10.99
CA THR B 505 13.73 -11.39 10.91
C THR B 505 13.53 -10.03 11.60
N ALA B 506 14.28 -9.80 12.66
CA ALA B 506 14.22 -8.53 13.38
C ALA B 506 14.81 -7.35 12.58
N ALA B 507 16.11 -7.40 12.33
CA ALA B 507 16.82 -6.30 11.67
C ALA B 507 16.63 -6.27 10.14
N GLN B 508 16.44 -7.44 9.53
CA GLN B 508 16.25 -7.54 8.08
C GLN B 508 17.38 -6.90 7.24
N GLN B 509 18.62 -7.02 7.69
CA GLN B 509 19.74 -6.40 6.99
C GLN B 509 20.18 -7.18 5.76
N TYR B 510 20.47 -6.45 4.68
CA TYR B 510 21.04 -7.01 3.45
C TYR B 510 21.99 -5.96 2.88
N VAL B 511 22.80 -6.32 1.89
CA VAL B 511 23.78 -5.36 1.39
C VAL B 511 23.61 -5.09 -0.10
N SER B 512 24.01 -3.91 -0.54
CA SER B 512 24.01 -3.61 -1.96
C SER B 512 25.35 -3.99 -2.58
N LEU B 513 25.30 -4.74 -3.68
CA LEU B 513 26.51 -5.07 -4.41
C LEU B 513 26.59 -4.16 -5.62
N ASN B 514 27.56 -3.25 -5.60
CA ASN B 514 27.81 -2.32 -6.69
C ASN B 514 29.24 -1.81 -6.61
N LEU B 515 29.57 -0.79 -7.41
CA LEU B 515 30.95 -0.33 -7.48
C LEU B 515 31.39 0.34 -6.19
N LYS B 516 30.43 0.87 -5.43
CA LYS B 516 30.72 1.51 -4.15
C LYS B 516 30.93 0.41 -3.11
N PRO B 517 31.62 0.72 -2.00
CA PRO B 517 31.78 -0.25 -0.91
C PRO B 517 30.42 -0.72 -0.37
N LEU B 518 30.37 -1.89 0.27
CA LEU B 518 29.12 -2.42 0.81
C LEU B 518 28.36 -1.39 1.62
N GLU B 519 27.06 -1.30 1.33
CA GLU B 519 26.17 -0.48 2.13
C GLU B 519 25.11 -1.40 2.72
N VAL B 520 24.88 -1.28 4.02
CA VAL B 520 23.91 -2.11 4.72
C VAL B 520 22.52 -1.46 4.68
N ARG B 521 21.52 -2.19 4.21
CA ARG B 521 20.16 -1.66 4.18
C ARG B 521 19.23 -2.54 5.02
N ARG B 522 18.08 -2.01 5.39
CA ARG B 522 17.10 -2.78 6.15
C ARG B 522 15.76 -2.85 5.44
N GLY B 523 15.25 -4.07 5.28
CA GLY B 523 13.95 -4.27 4.68
C GLY B 523 14.04 -4.55 3.20
N LEU B 524 13.77 -5.79 2.83
CA LEU B 524 13.81 -6.19 1.43
C LEU B 524 12.42 -6.01 0.81
N ARG B 525 12.15 -4.82 0.26
CA ARG B 525 10.81 -4.49 -0.24
C ARG B 525 9.75 -4.82 0.79
N ALA B 526 9.93 -4.36 2.03
CA ALA B 526 9.18 -4.93 3.13
C ALA B 526 7.66 -4.70 3.04
N GLN B 527 7.24 -3.46 2.76
CA GLN B 527 5.81 -3.14 2.60
C GLN B 527 5.17 -3.88 1.43
N THR B 528 5.82 -3.78 0.28
CA THR B 528 5.32 -4.40 -0.94
C THR B 528 5.31 -5.93 -0.84
N CYS B 529 6.32 -6.50 -0.21
CA CYS B 529 6.31 -7.97 -0.08
C CYS B 529 5.25 -8.45 0.91
N ALA B 530 4.91 -7.63 1.89
CA ALA B 530 3.77 -7.95 2.77
C ALA B 530 2.50 -8.09 1.94
N PHE B 531 2.35 -7.19 0.97
CA PHE B 531 1.25 -7.27 0.02
C PHE B 531 1.26 -8.61 -0.71
N TRP B 532 2.41 -8.97 -1.29
CA TRP B 532 2.49 -10.22 -2.03
C TRP B 532 2.46 -11.46 -1.15
N ASN B 533 3.15 -11.39 -0.02
CA ASN B 533 3.39 -12.59 0.80
C ASN B 533 2.29 -12.86 1.82
N ARG B 534 1.65 -11.79 2.29
CA ARG B 534 0.63 -11.90 3.31
C ARG B 534 -0.77 -11.61 2.79
N PHE B 535 -0.94 -10.51 2.05
CA PHE B 535 -2.28 -10.15 1.63
C PHE B 535 -2.85 -10.94 0.44
N LEU B 536 -2.18 -10.93 -0.70
CA LEU B 536 -2.73 -11.54 -1.91
C LEU B 536 -3.24 -12.99 -1.81
N PRO B 537 -2.48 -13.88 -1.15
CA PRO B 537 -2.97 -15.27 -1.03
C PRO B 537 -4.32 -15.35 -0.34
N LYS B 538 -4.56 -14.50 0.66
CA LYS B 538 -5.85 -14.46 1.34
C LYS B 538 -6.93 -13.97 0.40
N LEU B 539 -6.57 -13.00 -0.43
CA LEU B 539 -7.51 -12.45 -1.40
C LEU B 539 -7.96 -13.53 -2.39
N LEU B 540 -7.00 -14.28 -2.92
CA LEU B 540 -7.29 -15.35 -3.87
C LEU B 540 -8.03 -16.51 -3.22
N SER B 541 -7.69 -16.83 -1.97
CA SER B 541 -8.41 -17.86 -1.21
C SER B 541 -9.77 -17.34 -0.73
N ALA B 542 -10.38 -16.51 -1.58
CA ALA B 542 -11.67 -15.89 -1.38
C ALA B 542 -12.03 -15.29 -2.73
N THR B 543 -11.15 -15.56 -3.69
CA THR B 543 -11.29 -15.17 -5.11
C THR B 543 -11.53 -13.67 -5.34
N ALA B 544 -12.65 -13.16 -5.21
S Q4Q C . -16.37 14.55 18.35
N1 Q4Q C . -17.24 15.56 19.36
O1 Q4Q C . -15.32 15.33 17.81
C2 Q4Q C . -17.13 11.21 19.78
N2 Q4Q C . -16.03 18.04 18.34
O2 Q4Q C . -17.35 13.99 17.48
C3 Q4Q C . -16.51 12.37 20.21
C4 Q4Q C . -15.62 13.22 19.26
C6 Q4Q C . -16.87 19.84 16.71
C7 Q4Q C . -16.70 12.78 21.52
C8 Q4Q C . -17.52 12.03 22.37
C9 Q4Q C . -18.14 10.88 21.94
C10 Q4Q C . -17.94 10.45 20.62
C11 Q4Q C . -16.56 16.46 20.35
C12 Q4Q C . -16.02 17.83 19.84
C08 Q4Q C . -19.01 10.07 22.87
C13 Q4Q C . -14.67 18.54 17.89
C14 Q4Q C . -13.49 18.14 18.76
C17 Q4Q C . -17.00 19.18 18.07
C1 PEG D . -13.90 44.35 3.43
O1 PEG D . -14.70 44.25 2.29
C2 PEG D . -14.38 43.65 4.65
O2 PEG D . -15.45 42.80 4.51
C3 PEG D . -15.56 41.66 5.26
C4 PEG D . -16.03 40.45 4.53
O4 PEG D . -15.37 39.27 4.75
O1 P6G E . 0.93 -2.57 1.85
C2 P6G E . 0.83 -3.81 2.47
C3 P6G E . -0.43 -4.61 2.37
O4 P6G E . -1.47 -4.13 1.58
C5 P6G E . -2.77 -4.59 1.72
C6 P6G E . -3.63 -4.61 0.47
O7 P6G E . -3.80 -3.43 -0.28
C8 P6G E . -4.37 -3.47 -1.56
C9 P6G E . -4.80 -2.14 -2.19
O10 P6G E . -3.85 -1.24 -2.67
C11 P6G E . -4.08 0.14 -2.55
C12 P6G E . -2.96 1.08 -2.88
O13 P6G E . -2.15 1.58 -1.85
C14 P6G E . -0.86 1.05 -1.71
C15 P6G E . 0.32 1.98 -1.82
O16 P6G E . 1.56 1.44 -2.19
C17 P6G E . 2.60 1.39 -1.26
C18 P6G E . 3.90 0.78 -1.69
O19 P6G E . 5.01 0.99 -0.90
C1 PEG F . -23.37 54.42 23.35
O1 PEG F . -22.47 53.88 24.25
C2 PEG F . -24.55 55.17 23.88
O2 PEG F . -25.41 54.50 24.71
C3 PEG F . -26.35 55.19 25.45
C4 PEG F . -26.96 54.49 26.63
O4 PEG F . -27.44 53.21 26.44
C1 NAG G . -3.17 4.01 29.52
C2 NAG G . -2.60 2.62 29.82
C3 NAG G . -3.59 1.50 29.45
C4 NAG G . -4.95 1.75 30.10
C5 NAG G . -5.44 3.16 29.83
C6 NAG G . -6.69 3.45 30.67
C7 NAG G . -0.20 2.22 29.92
C8 NAG G . 0.89 1.39 29.30
N2 NAG G . -1.29 2.42 29.19
O3 NAG G . -3.11 0.26 29.90
O4 NAG G . -5.88 0.79 29.64
O5 NAG G . -4.44 4.14 30.13
O6 NAG G . -6.38 3.66 32.03
O7 NAG G . -0.06 2.68 31.06
C1 PEG H . -32.05 6.26 -4.80
O1 PEG H . -32.29 5.98 -6.12
C2 PEG H . -33.05 7.09 -4.07
O2 PEG H . -32.83 7.34 -2.73
C3 PEG H . -33.40 6.50 -1.79
C4 PEG H . -34.56 7.00 -1.01
O4 PEG H . -35.49 6.07 -0.59
C1 NAG I . -2.54 32.58 31.58
C2 NAG I . -3.74 31.83 32.17
C3 NAG I . -4.13 32.40 33.54
C4 NAG I . -2.90 32.58 34.43
C5 NAG I . -1.80 33.37 33.72
C6 NAG I . -0.46 32.64 33.74
C7 NAG I . -5.39 30.73 30.75
C8 NAG I . -6.84 30.75 30.34
N2 NAG I . -4.88 31.85 31.26
O3 NAG I . -5.05 31.53 34.17
O4 NAG I . -3.26 33.22 35.64
O5 NAG I . -2.20 33.69 32.39
O6 NAG I . 0.60 33.54 33.50
O7 NAG I . -4.73 29.70 30.61
C1 PEG J . 4.17 2.32 7.33
O1 PEG J . 5.39 2.96 7.17
C2 PEG J . 3.09 2.60 6.33
O2 PEG J . 2.00 3.32 6.77
C3 PEG J . 1.14 3.94 5.88
C4 PEG J . 0.54 5.25 6.27
O4 PEG J . 0.50 5.61 7.60
C1 PEG K . -24.00 -1.00 21.32
O1 PEG K . -23.50 -1.99 20.50
C2 PEG K . -23.05 0.06 21.77
O2 PEG K . -22.20 0.59 20.82
C3 PEG K . -21.59 1.81 21.06
C4 PEG K . -20.26 2.05 20.44
O4 PEG K . -19.21 2.38 21.28
C1 PEG L . -10.33 11.31 -8.68
O1 PEG L . -10.92 12.19 -9.57
C2 PEG L . -11.19 10.66 -7.64
O2 PEG L . -11.66 9.37 -7.87
C3 PEG L . -12.84 8.96 -7.30
C4 PEG L . -13.33 7.57 -7.56
O4 PEG L . -14.47 7.43 -8.34
C1 PEG M . -17.38 5.26 2.90
O1 PEG M . -16.29 4.53 3.34
C2 PEG M . -18.68 4.54 2.83
O2 PEG M . -19.77 5.22 2.30
C3 PEG M . -20.95 4.55 2.04
C4 PEG M . -22.23 5.17 2.46
O4 PEG M . -22.41 5.49 3.80
S SO4 N . -12.17 39.47 24.43
O1 SO4 N . -12.89 38.25 24.83
O2 SO4 N . -10.85 39.15 23.89
O3 SO4 N . -12.97 40.16 23.41
O4 SO4 N . -11.98 40.39 25.56
S Q4Q O . 14.48 -16.62 -18.68
N1 Q4Q O . 15.51 -17.53 -19.63
O1 Q4Q O . 15.33 -15.85 -17.87
C2 Q4Q O . 11.51 -16.58 -20.63
N2 Q4Q O . 17.99 -16.74 -18.40
O2 Q4Q O . 13.53 -17.53 -18.15
C3 Q4Q O . 12.76 -16.06 -20.84
C4 Q4Q O . 13.60 -15.48 -19.70
C6 Q4Q O . 19.43 -18.01 -16.70
C7 Q4Q O . 13.29 -16.07 -22.14
C8 Q4Q O . 12.53 -16.61 -23.18
C9 Q4Q O . 11.27 -17.14 -22.96
C10 Q4Q O . 10.75 -17.14 -21.66
C11 Q4Q O . 16.50 -16.82 -20.51
C12 Q4Q O . 17.92 -16.61 -19.90
C08 Q4Q O . 10.46 -17.72 -24.09
C13 Q4Q O . 18.64 -15.50 -17.83
C14 Q4Q O . 18.20 -14.21 -18.50
C17 Q4Q O . 18.93 -17.89 -18.12
C1 PEG P . 16.57 3.63 -15.86
O1 PEG P . 17.47 3.97 -14.87
C2 PEG P . 15.62 2.52 -15.59
O2 PEG P . 15.54 2.03 -14.31
C3 PEG P . 14.37 1.44 -13.87
C4 PEG P . 14.10 1.44 -12.40
O4 PEG P . 15.00 0.80 -11.57
C1 PEG Q . 42.19 -20.62 -0.26
O1 PEG Q . 42.40 -19.71 -1.28
C2 PEG Q . 41.41 -21.85 -0.60
O2 PEG Q . 40.61 -21.80 -1.73
C3 PEG Q . 39.47 -22.56 -1.78
C4 PEG Q . 38.39 -22.13 -2.72
O4 PEG Q . 37.15 -21.87 -2.21
C1 PEG R . 4.98 0.74 -5.21
O1 PEG R . 6.27 0.31 -5.39
C2 PEG R . 4.51 1.91 -6.00
O2 PEG R . 4.16 3.04 -5.29
C3 PEG R . 3.86 4.21 -5.97
C4 PEG R . 4.87 5.31 -5.98
O4 PEG R . 5.25 5.88 -4.79
C1 NAG S . 8.21 -0.25 -29.06
C2 NAG S . 6.99 0.63 -29.33
C3 NAG S . 5.71 -0.20 -29.36
C4 NAG S . 5.84 -1.40 -30.30
C5 NAG S . 7.11 -2.20 -30.02
C6 NAG S . 7.34 -3.29 -31.08
C7 NAG S . 6.67 2.99 -28.71
C8 NAG S . 7.60 3.62 -29.70
N2 NAG S . 6.89 1.71 -28.37
O3 NAG S . 4.64 0.62 -29.79
O4 NAG S . 4.71 -2.23 -30.17
O5 NAG S . 8.25 -1.36 -29.95
O6 NAG S . 8.36 -2.92 -32.01
O7 NAG S . 5.75 3.65 -28.24
C1 PEG T . 2.03 -22.96 -5.30
O1 PEG T . 2.76 -23.03 -6.48
C2 PEG T . 2.14 -21.72 -4.48
O2 PEG T . 2.05 -20.51 -5.12
C3 PEG T . 2.64 -19.38 -4.59
C4 PEG T . 2.39 -18.08 -5.28
O4 PEG T . 3.33 -17.10 -5.09
S SO4 U . 40.40 -15.99 -21.12
O1 SO4 U . 39.18 -16.58 -21.69
O2 SO4 U . 41.41 -15.72 -22.16
O3 SO4 U . 40.06 -14.74 -20.45
O4 SO4 U . 40.99 -16.90 -20.14
C1 PEG V . 0.89 -36.02 -3.88
O1 PEG V . 1.08 -37.33 -3.49
C2 PEG V . 1.54 -34.94 -3.08
O2 PEG V . 1.32 -34.93 -1.72
C3 PEG V . 1.50 -33.76 -1.00
C4 PEG V . 1.48 -33.84 0.49
O4 PEG V . 0.29 -33.57 1.15
C1 PEG W . 39.15 -45.17 -7.25
O1 PEG W . 38.26 -46.19 -7.54
C2 PEG W . 38.82 -43.76 -7.61
O2 PEG W . 38.03 -43.04 -6.73
C3 PEG W . 38.38 -41.74 -6.40
C4 PEG W . 38.00 -41.25 -5.03
O4 PEG W . 39.02 -40.99 -4.13
#